data_4HY3
#
_entry.id   4HY3
#
_cell.length_a   61.733
_cell.length_b   121.118
_cell.length_c   106.652
_cell.angle_alpha   90.00
_cell.angle_beta   101.40
_cell.angle_gamma   90.00
#
_symmetry.space_group_name_H-M   'P 1 21 1'
#
loop_
_entity.id
_entity.type
_entity.pdbx_description
1 polymer 'phosphoglycerate oxidoreductase'
2 water water
#
_entity_poly.entity_id   1
_entity_poly.type   'polypeptide(L)'
_entity_poly.pdbx_seq_one_letter_code
;(MSE)HHHHHHSSGVDLGTENLYFQS(MSE)TNTERPLAISAPEPRSLDLIFSDEARAALHSKYEIVEADPENIAGLGDD
ILGRARYIIGQPPLSAETLAR(MSE)PALRSILNVESNLLNN(MSE)PYEVLFQRGIHVVTTGQVFAEPVAEIGLGFALA
LARGIVDADIAFQEGTELWGGEGNASARLIAGSEIGIVGFGDLGKALRRVLSGFRARIRVFDPWLPRS(MSE)LEENGVE
PASLEDVLTKSDFIFVVAAVTSENKRFLGAEAFSS(MSE)RRGAAFILLSRADVVDFDAL(MSE)AAVSSGHIVAASDVY
PEEPLPLDHPVRSLKGFIRSAHRAGALDSAFKK(MSE)GD(MSE)VLED(MSE)DL(MSE)DRGLPP(MSE)RCKRAERE
TVSR(MSE)RSKPVAVN
;
_entity_poly.pdbx_strand_id   A,B,C,D
#
# COMPACT_ATOMS: atom_id res chain seq x y z
N ARG A 28 38.47 -19.22 7.79
CA ARG A 28 37.26 -18.60 8.35
C ARG A 28 37.69 -17.39 9.16
N PRO A 29 37.06 -16.25 8.91
CA PRO A 29 37.19 -15.02 9.73
C PRO A 29 36.90 -15.24 11.20
N LEU A 30 37.54 -14.50 12.07
CA LEU A 30 37.39 -14.71 13.49
C LEU A 30 36.65 -13.54 14.09
N ALA A 31 35.71 -13.87 14.96
CA ALA A 31 34.96 -12.88 15.71
C ALA A 31 34.94 -13.21 17.20
N ILE A 32 35.20 -12.19 18.02
CA ILE A 32 35.14 -12.29 19.46
C ILE A 32 33.72 -12.08 19.94
N SER A 33 33.27 -12.96 20.82
CA SER A 33 31.95 -12.81 21.40
C SER A 33 32.05 -12.28 22.85
N ALA A 34 31.37 -11.18 23.12
CA ALA A 34 31.41 -10.53 24.44
C ALA A 34 30.11 -9.74 24.51
N PRO A 35 29.00 -10.46 24.42
CA PRO A 35 27.67 -9.88 24.23
C PRO A 35 26.92 -9.45 25.50
N GLU A 36 27.44 -9.90 26.63
CA GLU A 36 26.92 -9.61 27.98
C GLU A 36 26.45 -8.18 28.13
N PRO A 37 25.28 -7.94 28.73
CA PRO A 37 24.30 -8.78 29.41
C PRO A 37 23.42 -9.56 28.41
N ARG A 38 23.73 -9.53 27.13
CA ARG A 38 23.02 -10.36 26.16
C ARG A 38 23.85 -11.63 26.04
N SER A 39 23.38 -12.63 25.27
CA SER A 39 24.19 -13.81 25.02
C SER A 39 23.90 -14.43 23.66
N LEU A 40 24.89 -15.11 23.10
CA LEU A 40 24.67 -15.94 21.92
C LEU A 40 23.40 -16.80 21.95
N ASP A 41 23.21 -17.54 23.05
CA ASP A 41 22.03 -18.40 23.21
C ASP A 41 20.73 -17.65 22.99
N LEU A 42 20.63 -16.42 23.52
CA LEU A 42 19.46 -15.54 23.41
C LEU A 42 19.26 -14.86 22.06
N ILE A 43 20.35 -14.48 21.41
CA ILE A 43 20.24 -13.67 20.20
C ILE A 43 20.36 -14.44 18.88
N PHE A 44 20.49 -15.76 18.95
CA PHE A 44 20.63 -16.52 17.71
C PHE A 44 19.64 -17.68 17.65
N SER A 45 18.72 -17.69 16.70
CA SER A 45 18.01 -18.92 16.44
C SER A 45 19.05 -20.04 16.13
N ASP A 46 18.65 -21.29 16.34
CA ASP A 46 19.37 -22.48 15.83
C ASP A 46 19.95 -22.31 14.42
N GLU A 47 19.08 -22.14 13.42
CA GLU A 47 19.51 -21.87 12.03
C GLU A 47 20.58 -20.77 11.92
N ALA A 48 20.33 -19.64 12.56
CA ALA A 48 21.29 -18.56 12.60
C ALA A 48 22.59 -18.92 13.36
N ARG A 49 22.45 -19.64 14.48
CA ARG A 49 23.64 -20.02 15.25
C ARG A 49 24.52 -21.01 14.49
N ALA A 50 23.89 -21.95 13.81
CA ALA A 50 24.61 -22.86 12.95
C ALA A 50 25.23 -22.08 11.81
N ALA A 51 24.47 -21.21 11.15
CA ALA A 51 25.08 -20.41 10.08
C ALA A 51 26.33 -19.69 10.60
N LEU A 52 26.20 -19.11 11.80
CA LEU A 52 27.26 -18.30 12.37
C LEU A 52 28.55 -19.11 12.60
N HIS A 53 28.46 -20.33 13.13
CA HIS A 53 29.69 -21.07 13.46
C HIS A 53 30.19 -21.81 12.30
N SER A 54 29.32 -22.01 11.33
CA SER A 54 29.73 -22.70 10.17
C SER A 54 30.58 -21.74 9.46
N LYS A 55 30.29 -20.45 9.62
CA LYS A 55 31.00 -19.45 8.83
C LYS A 55 32.18 -18.79 9.49
N TYR A 56 32.20 -18.67 10.81
CA TYR A 56 33.24 -17.92 11.56
C TYR A 56 33.83 -18.74 12.69
N GLU A 57 35.05 -18.41 13.13
CA GLU A 57 35.51 -18.84 14.44
C GLU A 57 35.02 -17.85 15.45
N ILE A 58 34.08 -18.27 16.28
CA ILE A 58 33.54 -17.40 17.31
C ILE A 58 34.08 -17.75 18.68
N VAL A 59 35.08 -17.02 19.15
CA VAL A 59 35.66 -17.25 20.50
C VAL A 59 34.93 -16.43 21.54
N GLU A 60 34.27 -17.14 22.44
CA GLU A 60 33.67 -16.52 23.64
C GLU A 60 34.77 -15.99 24.55
N ALA A 61 34.54 -14.83 25.11
CA ALA A 61 35.55 -14.09 25.80
C ALA A 61 34.88 -13.30 26.89
N ASP A 62 35.68 -12.96 27.89
CA ASP A 62 35.23 -12.27 29.07
C ASP A 62 35.24 -10.81 28.73
N PRO A 63 34.08 -10.14 28.80
CA PRO A 63 34.10 -8.73 28.41
C PRO A 63 35.03 -7.85 29.27
N GLU A 64 35.05 -8.01 30.60
CA GLU A 64 35.98 -7.23 31.46
C GLU A 64 37.48 -7.44 31.14
N ASN A 65 37.81 -8.48 30.39
CA ASN A 65 39.20 -8.76 30.05
C ASN A 65 39.46 -9.12 28.57
N ILE A 66 39.13 -8.23 27.63
CA ILE A 66 39.40 -8.49 26.21
C ILE A 66 40.89 -8.57 26.01
N ALA A 67 41.59 -7.63 26.67
CA ALA A 67 43.05 -7.54 26.50
C ALA A 67 43.70 -8.87 26.81
N GLY A 68 43.01 -9.70 27.61
CA GLY A 68 43.54 -10.95 28.10
C GLY A 68 43.66 -12.03 27.06
N LEU A 69 42.95 -11.87 25.95
CA LEU A 69 42.91 -12.87 24.88
C LEU A 69 44.27 -13.18 24.26
N GLY A 70 44.32 -14.23 23.45
CA GLY A 70 45.51 -14.49 22.64
C GLY A 70 45.99 -13.24 21.90
N ASP A 71 47.27 -12.92 22.02
CA ASP A 71 47.88 -11.92 21.14
C ASP A 71 47.79 -12.40 19.69
N ASP A 72 47.65 -13.71 19.52
CA ASP A 72 47.23 -14.32 18.26
C ASP A 72 45.76 -14.02 17.94
N ILE A 73 44.88 -14.27 18.91
CA ILE A 73 43.43 -14.05 18.71
C ILE A 73 43.21 -12.59 18.30
N LEU A 74 43.81 -11.65 19.03
CA LEU A 74 43.63 -10.22 18.74
C LEU A 74 44.17 -9.77 17.38
N GLY A 75 45.11 -10.53 16.83
CA GLY A 75 45.73 -10.17 15.58
C GLY A 75 44.82 -10.36 14.39
N ARG A 76 43.92 -11.35 14.52
CA ARG A 76 43.05 -11.79 13.44
C ARG A 76 41.57 -11.35 13.56
N ALA A 77 41.14 -10.89 14.73
CA ALA A 77 39.72 -10.57 14.93
C ALA A 77 39.18 -9.51 13.92
N ARG A 78 38.26 -9.93 13.08
CA ARG A 78 37.63 -9.04 12.14
C ARG A 78 36.37 -8.35 12.73
N TYR A 79 35.79 -8.90 13.79
CA TYR A 79 34.55 -8.37 14.37
C TYR A 79 34.47 -8.63 15.86
N ILE A 80 33.73 -7.77 16.57
CA ILE A 80 33.37 -8.01 17.96
C ILE A 80 31.86 -8.05 18.06
N ILE A 81 31.28 -9.22 18.33
CA ILE A 81 29.86 -9.24 18.64
C ILE A 81 29.73 -8.85 20.12
N GLY A 82 29.14 -7.68 20.39
CA GLY A 82 28.94 -7.15 21.77
C GLY A 82 29.45 -5.74 22.05
N GLN A 83 29.73 -5.44 23.33
CA GLN A 83 30.04 -4.07 23.81
C GLN A 83 31.18 -3.99 24.83
N PRO A 84 32.26 -4.79 24.64
CA PRO A 84 33.18 -4.82 25.79
C PRO A 84 33.91 -3.50 26.05
N PRO A 85 34.33 -3.25 27.32
CA PRO A 85 35.41 -2.29 27.57
C PRO A 85 36.59 -2.50 26.63
N LEU A 86 37.11 -1.41 26.07
CA LEU A 86 38.35 -1.46 25.28
C LEU A 86 39.15 -0.20 25.47
N SER A 87 40.47 -0.31 25.30
CA SER A 87 41.37 0.81 25.46
C SER A 87 42.29 0.85 24.27
N ALA A 88 42.84 2.03 24.01
CA ALA A 88 43.84 2.25 22.95
C ALA A 88 44.89 1.13 22.76
N GLU A 89 45.46 0.62 23.85
CA GLU A 89 46.61 -0.30 23.72
C GLU A 89 46.13 -1.66 23.21
N THR A 90 44.95 -2.04 23.70
CA THR A 90 44.40 -3.33 23.33
C THR A 90 43.84 -3.19 21.92
N LEU A 91 43.13 -2.11 21.67
CA LEU A 91 42.73 -1.74 20.31
C LEU A 91 43.85 -1.60 19.27
N ALA A 92 45.04 -1.21 19.71
CA ALA A 92 46.18 -1.05 18.83
C ALA A 92 46.67 -2.41 18.50
N ARG A 93 46.21 -3.40 19.27
CA ARG A 93 46.61 -4.78 19.03
C ARG A 93 45.75 -5.48 17.99
N PRO A 95 44.67 -5.18 14.48
CA PRO A 95 44.84 -4.58 13.14
C PRO A 95 43.79 -5.02 12.10
N ALA A 96 43.03 -6.06 12.36
CA ALA A 96 42.04 -6.46 11.37
C ALA A 96 40.62 -6.09 11.79
N LEU A 97 40.46 -5.58 13.00
CA LEU A 97 39.12 -5.25 13.53
C LEU A 97 38.36 -4.41 12.50
N ARG A 98 37.18 -4.85 12.12
CA ARG A 98 36.48 -4.17 11.08
C ARG A 98 35.27 -3.47 11.71
N SER A 99 34.59 -4.16 12.63
CA SER A 99 33.44 -3.54 13.27
C SER A 99 33.12 -4.17 14.60
N ILE A 100 32.42 -3.40 15.42
CA ILE A 100 31.92 -3.86 16.67
C ILE A 100 30.42 -3.85 16.55
N LEU A 101 29.77 -4.98 16.76
CA LEU A 101 28.35 -4.99 16.69
C LEU A 101 27.73 -4.98 18.09
N ASN A 102 27.22 -3.79 18.48
CA ASN A 102 26.59 -3.58 19.76
C ASN A 102 25.27 -4.30 19.72
N VAL A 103 25.01 -5.08 20.76
CA VAL A 103 23.79 -5.92 20.86
C VAL A 103 22.92 -5.58 22.04
N GLU A 104 23.47 -4.88 23.01
CA GLU A 104 22.62 -4.18 23.93
C GLU A 104 22.16 -3.06 23.04
N SER A 105 20.89 -2.69 23.05
CA SER A 105 20.50 -1.60 22.16
C SER A 105 21.36 -0.29 22.31
N ASN A 106 22.16 -0.16 23.38
CA ASN A 106 22.77 1.14 23.70
C ASN A 106 24.29 1.34 23.55
N LEU A 107 24.64 2.46 22.91
CA LEU A 107 26.03 2.89 22.84
C LEU A 107 26.58 3.21 24.23
N LEU A 108 27.84 2.91 24.47
CA LEU A 108 28.42 2.92 25.81
C LEU A 108 29.71 3.70 25.81
N ASN A 109 29.90 4.56 26.82
CA ASN A 109 31.14 5.30 26.94
C ASN A 109 32.20 4.35 27.46
N ASN A 110 32.73 3.59 26.51
CA ASN A 110 33.38 2.31 26.77
C ASN A 110 34.79 2.15 26.17
N PRO A 112 37.85 4.19 23.14
CA PRO A 112 38.24 5.33 22.32
C PRO A 112 37.53 5.39 20.96
N TYR A 113 36.32 5.92 20.93
CA TYR A 113 35.59 6.06 19.68
C TYR A 113 36.34 6.85 18.63
N GLU A 114 37.09 7.87 19.05
CA GLU A 114 37.86 8.71 18.12
C GLU A 114 38.78 7.86 17.23
N VAL A 115 39.54 6.94 17.84
CA VAL A 115 40.42 6.04 17.09
C VAL A 115 39.64 5.06 16.23
N LEU A 116 38.50 4.59 16.73
CA LEU A 116 37.62 3.83 15.88
C LEU A 116 36.85 4.88 15.20
N PHE A 117 37.41 5.43 14.15
CA PHE A 117 36.75 6.41 13.26
C PHE A 117 37.89 6.82 12.36
N GLN A 118 38.96 7.30 12.99
CA GLN A 118 40.29 7.30 12.40
C GLN A 118 40.50 6.05 11.55
N ARG A 119 40.35 4.88 12.17
CA ARG A 119 40.65 3.60 11.54
C ARG A 119 39.64 3.09 10.52
N GLY A 120 38.41 3.60 10.62
CA GLY A 120 37.28 3.23 9.73
C GLY A 120 36.41 2.11 10.32
N ILE A 121 36.39 2.03 11.66
CA ILE A 121 35.82 0.90 12.35
C ILE A 121 34.40 1.28 12.70
N HIS A 122 33.43 0.58 12.10
CA HIS A 122 32.01 0.83 12.31
C HIS A 122 31.53 0.26 13.61
N VAL A 123 30.64 0.98 14.28
CA VAL A 123 29.99 0.51 15.48
C VAL A 123 28.55 0.49 15.11
N VAL A 124 27.93 -0.66 15.27
CA VAL A 124 26.59 -0.88 14.76
C VAL A 124 25.73 -1.34 15.94
N THR A 125 24.43 -1.09 15.89
CA THR A 125 23.51 -1.41 16.99
C THR A 125 22.28 -2.04 16.43
N THR A 126 21.53 -2.69 17.29
CA THR A 126 20.55 -3.61 16.83
C THR A 126 19.22 -3.31 17.49
N GLY A 127 19.13 -2.11 18.07
CA GLY A 127 17.96 -1.66 18.82
C GLY A 127 16.67 -1.56 18.03
N GLN A 128 16.74 -1.52 16.70
CA GLN A 128 15.50 -1.40 15.96
C GLN A 128 14.66 -2.66 15.98
N VAL A 129 15.24 -3.75 16.48
CA VAL A 129 14.46 -4.97 16.71
C VAL A 129 13.28 -4.75 17.64
N PHE A 130 13.34 -3.73 18.48
CA PHE A 130 12.31 -3.54 19.47
C PHE A 130 11.17 -2.70 18.95
N ALA A 131 11.25 -2.25 17.69
CA ALA A 131 10.23 -1.40 17.11
C ALA A 131 8.95 -2.17 16.90
N GLU A 132 8.99 -3.22 16.09
CA GLU A 132 7.77 -3.92 15.69
C GLU A 132 7.03 -4.40 16.94
N PRO A 133 7.73 -5.12 17.86
CA PRO A 133 7.10 -5.44 19.14
C PRO A 133 6.35 -4.23 19.75
N VAL A 134 7.02 -3.09 19.90
CA VAL A 134 6.40 -1.94 20.52
C VAL A 134 5.28 -1.28 19.72
N ALA A 135 5.43 -1.18 18.40
CA ALA A 135 4.28 -0.79 17.58
C ALA A 135 3.08 -1.66 17.87
N GLU A 136 3.22 -2.98 17.77
CA GLU A 136 2.04 -3.82 17.82
C GLU A 136 1.24 -3.67 19.08
N ILE A 137 1.89 -3.84 20.23
CA ILE A 137 1.22 -3.69 21.52
C ILE A 137 0.72 -2.26 21.72
N GLY A 138 1.36 -1.32 21.01
CA GLY A 138 0.95 0.08 20.97
C GLY A 138 -0.37 0.33 20.24
N LEU A 139 -0.49 -0.19 19.02
CA LEU A 139 -1.76 -0.16 18.33
C LEU A 139 -2.74 -0.92 19.23
N GLY A 140 -2.22 -1.94 19.92
CA GLY A 140 -3.04 -2.75 20.78
C GLY A 140 -3.79 -1.89 21.77
N PHE A 141 -3.06 -1.12 22.58
CA PHE A 141 -3.71 -0.23 23.54
C PHE A 141 -4.62 0.79 22.90
N ALA A 142 -4.22 1.34 21.75
CA ALA A 142 -5.11 2.27 21.02
C ALA A 142 -6.52 1.68 20.89
N LEU A 143 -6.59 0.45 20.37
CA LEU A 143 -7.85 -0.26 20.19
C LEU A 143 -8.48 -0.66 21.50
N ALA A 144 -7.67 -0.91 22.51
CA ALA A 144 -8.25 -1.26 23.78
C ALA A 144 -8.96 0.00 24.29
N LEU A 145 -8.24 1.13 24.39
CA LEU A 145 -8.90 2.38 24.81
C LEU A 145 -10.10 2.71 23.90
N ALA A 146 -9.92 2.83 22.59
CA ALA A 146 -11.02 3.27 21.74
C ALA A 146 -12.30 2.41 21.71
N ARG A 147 -12.31 1.29 22.42
CA ARG A 147 -13.47 0.37 22.46
C ARG A 147 -13.57 -0.30 23.82
N GLY A 148 -12.79 0.19 24.77
CA GLY A 148 -12.77 -0.33 26.14
C GLY A 148 -12.65 -1.85 26.22
N ILE A 149 -11.83 -2.46 25.37
CA ILE A 149 -11.75 -3.91 25.37
C ILE A 149 -11.50 -4.45 26.77
N VAL A 150 -10.79 -3.69 27.62
CA VAL A 150 -10.44 -4.23 28.94
C VAL A 150 -11.58 -4.08 29.90
N ASP A 151 -12.08 -2.86 30.05
CA ASP A 151 -13.20 -2.68 30.95
C ASP A 151 -14.38 -3.57 30.53
N ALA A 152 -14.56 -3.75 29.22
CA ALA A 152 -15.61 -4.65 28.69
C ALA A 152 -15.40 -6.12 29.06
N ASP A 153 -14.16 -6.49 29.37
CA ASP A 153 -13.84 -7.88 29.73
C ASP A 153 -14.04 -8.12 31.21
N ILE A 154 -13.62 -7.14 32.03
CA ILE A 154 -13.76 -7.23 33.49
C ILE A 154 -15.23 -7.13 33.90
N ALA A 155 -15.99 -6.28 33.21
CA ALA A 155 -17.41 -6.07 33.53
C ALA A 155 -18.22 -7.34 33.32
N PHE A 156 -18.10 -7.90 32.11
CA PHE A 156 -18.58 -9.23 31.71
C PHE A 156 -18.02 -10.32 32.64
N GLN A 157 -16.75 -10.21 33.01
CA GLN A 157 -16.07 -11.24 33.82
C GLN A 157 -16.78 -11.43 35.14
N GLU A 158 -17.00 -10.31 35.85
CA GLU A 158 -17.66 -10.30 37.15
C GLU A 158 -19.19 -10.27 37.03
N GLY A 159 -19.71 -9.51 36.06
CA GLY A 159 -21.13 -9.58 35.65
C GLY A 159 -21.89 -8.27 35.65
N THR A 160 -21.46 -7.30 34.83
CA THR A 160 -22.14 -5.98 34.73
C THR A 160 -22.22 -5.44 33.30
N GLU A 161 -22.83 -6.22 32.42
CA GLU A 161 -22.75 -6.07 30.96
C GLU A 161 -22.87 -4.68 30.32
N LEU A 162 -24.11 -4.20 30.14
CA LEU A 162 -24.44 -3.21 29.11
C LEU A 162 -24.21 -3.93 27.79
N TRP A 163 -25.29 -4.43 27.18
CA TRP A 163 -25.12 -5.49 26.22
C TRP A 163 -24.92 -5.12 24.80
N GLY A 164 -23.92 -4.28 24.54
CA GLY A 164 -23.55 -3.94 23.18
C GLY A 164 -24.53 -2.94 22.61
N GLY A 165 -24.02 -1.77 22.25
CA GLY A 165 -24.85 -0.61 21.93
C GLY A 165 -24.80 0.21 23.19
N GLU A 166 -25.26 -0.40 24.28
CA GLU A 166 -25.23 0.23 25.59
C GLU A 166 -23.81 0.39 26.15
N GLY A 167 -22.89 -0.46 25.70
CA GLY A 167 -21.48 -0.35 26.07
C GLY A 167 -20.78 0.79 25.34
N ASN A 168 -21.29 1.09 24.17
CA ASN A 168 -20.54 1.88 23.20
C ASN A 168 -20.75 3.41 23.26
N ALA A 169 -21.16 3.86 24.44
CA ALA A 169 -21.26 5.28 24.78
C ALA A 169 -20.10 5.99 24.11
N SER A 170 -18.91 5.54 24.44
CA SER A 170 -17.67 6.22 24.12
C SER A 170 -16.83 5.48 23.07
N ALA A 171 -17.37 4.38 22.55
CA ALA A 171 -16.71 3.66 21.48
C ALA A 171 -16.48 4.58 20.28
N ARG A 172 -15.60 4.16 19.38
CA ARG A 172 -15.08 5.00 18.30
C ARG A 172 -14.06 4.21 17.48
N LEU A 173 -14.07 4.43 16.17
CA LEU A 173 -13.14 3.78 15.27
C LEU A 173 -11.84 4.55 15.21
N ILE A 174 -10.75 3.86 14.87
CA ILE A 174 -9.48 4.51 14.61
C ILE A 174 -9.38 4.95 13.15
N ALA A 175 -10.12 4.33 12.25
CA ALA A 175 -10.00 4.66 10.83
C ALA A 175 -10.37 6.13 10.59
N GLY A 176 -11.39 6.62 11.30
CA GLY A 176 -11.64 8.07 11.49
C GLY A 176 -10.77 9.10 10.74
N SER A 177 -9.82 9.78 11.40
CA SER A 177 -9.39 9.66 12.77
C SER A 177 -8.12 10.46 12.83
N GLU A 178 -7.90 11.16 13.93
CA GLU A 178 -6.73 12.01 14.04
C GLU A 178 -5.65 11.39 14.93
N ILE A 179 -4.54 10.95 14.30
CA ILE A 179 -3.39 10.41 15.06
C ILE A 179 -2.20 11.33 15.11
N GLY A 180 -1.69 11.53 16.33
CA GLY A 180 -0.45 12.26 16.52
C GLY A 180 0.67 11.50 17.23
N ILE A 181 1.86 11.66 16.67
CA ILE A 181 3.02 10.98 17.21
C ILE A 181 4.05 11.99 17.76
N VAL A 182 4.32 11.89 19.06
CA VAL A 182 5.39 12.68 19.70
C VAL A 182 6.74 11.93 19.61
N GLY A 183 7.56 12.35 18.66
CA GLY A 183 8.77 11.61 18.32
C GLY A 183 8.50 10.74 17.12
N PHE A 184 9.56 10.20 16.54
CA PHE A 184 9.45 9.39 15.33
C PHE A 184 10.82 8.97 14.91
N GLY A 185 11.26 7.81 15.37
CA GLY A 185 12.49 7.22 14.88
C GLY A 185 12.02 5.90 14.34
N ASP A 186 12.67 4.82 14.75
CA ASP A 186 12.25 3.49 14.33
C ASP A 186 10.82 3.15 14.80
N LEU A 187 10.52 3.46 16.07
CA LEU A 187 9.24 3.18 16.68
C LEU A 187 8.17 3.95 15.94
N GLY A 188 8.47 5.21 15.63
CA GLY A 188 7.66 5.97 14.73
C GLY A 188 7.31 5.22 13.48
N LYS A 189 8.31 4.75 12.73
CA LYS A 189 8.03 4.12 11.41
C LYS A 189 7.25 2.83 11.56
N ALA A 190 7.51 2.07 12.63
CA ALA A 190 6.87 0.78 12.80
C ALA A 190 5.38 1.02 12.98
N LEU A 191 5.09 2.12 13.66
CA LEU A 191 3.76 2.52 14.02
C LEU A 191 3.05 2.98 12.75
N ARG A 192 3.69 3.87 12.01
CA ARG A 192 3.13 4.29 10.74
C ARG A 192 2.78 3.07 9.92
N ARG A 193 3.56 2.00 10.04
CA ARG A 193 3.28 0.82 9.22
C ARG A 193 2.02 0.09 9.67
N VAL A 194 1.91 -0.20 10.96
CA VAL A 194 0.73 -0.90 11.44
C VAL A 194 -0.53 -0.06 11.21
N LEU A 195 -0.38 1.26 11.27
CA LEU A 195 -1.52 2.13 11.07
C LEU A 195 -1.91 2.30 9.60
N SER A 196 -1.09 1.82 8.68
CA SER A 196 -1.33 2.07 7.26
C SER A 196 -2.62 1.48 6.74
N GLY A 197 -3.26 0.67 7.56
CA GLY A 197 -4.51 0.03 7.18
C GLY A 197 -5.71 0.79 7.70
N PHE A 198 -5.46 1.95 8.28
CA PHE A 198 -6.54 2.72 8.90
C PHE A 198 -6.88 4.01 8.20
N ARG A 199 -6.17 4.33 7.12
CA ARG A 199 -6.47 5.52 6.33
C ARG A 199 -6.89 6.71 7.21
N ALA A 200 -6.21 6.86 8.34
CA ALA A 200 -6.36 7.96 9.31
C ALA A 200 -5.44 9.17 8.98
N ARG A 201 -5.53 10.23 9.79
CA ARG A 201 -4.63 11.39 9.63
C ARG A 201 -3.48 11.46 10.67
N ILE A 202 -2.26 11.44 10.17
CA ILE A 202 -1.11 11.24 11.04
C ILE A 202 -0.13 12.41 11.12
N ARG A 203 -0.20 13.12 12.25
CA ARG A 203 0.64 14.29 12.55
C ARG A 203 1.81 13.88 13.40
N VAL A 204 2.99 14.28 12.98
CA VAL A 204 4.22 13.84 13.63
C VAL A 204 5.05 15.05 14.03
N PHE A 205 5.51 15.06 15.26
CA PHE A 205 6.46 16.06 15.68
C PHE A 205 7.84 15.45 15.84
N ASP A 206 8.82 16.06 15.18
CA ASP A 206 10.20 15.59 15.24
C ASP A 206 11.20 16.72 14.89
N PRO A 207 12.11 17.04 15.83
CA PRO A 207 13.14 18.04 15.58
C PRO A 207 14.23 17.63 14.57
N TRP A 208 14.65 16.38 14.55
CA TRP A 208 15.83 16.03 13.75
C TRP A 208 15.53 15.32 12.47
N LEU A 209 14.28 15.34 12.05
CA LEU A 209 14.01 14.82 10.75
C LEU A 209 13.42 15.98 9.98
N PRO A 210 14.06 16.33 8.83
CA PRO A 210 13.55 17.30 7.84
C PRO A 210 12.12 16.99 7.42
N ARG A 211 11.33 18.02 7.13
CA ARG A 211 9.94 17.87 6.69
C ARG A 211 9.81 17.03 5.41
N SER A 212 10.83 17.06 4.55
CA SER A 212 10.84 16.19 3.38
C SER A 212 10.89 14.69 3.69
N LEU A 214 9.79 13.21 6.59
CA LEU A 214 8.51 12.88 7.17
C LEU A 214 7.43 12.69 6.12
N GLU A 215 7.31 13.67 5.24
CA GLU A 215 6.31 13.61 4.17
C GLU A 215 6.41 12.31 3.37
N GLU A 216 7.63 11.84 3.13
CA GLU A 216 7.87 10.63 2.33
C GLU A 216 7.73 9.32 3.12
N ASN A 217 7.65 9.44 4.43
CA ASN A 217 7.32 8.32 5.32
C ASN A 217 5.82 8.21 5.52
N GLY A 218 5.05 8.92 4.69
CA GLY A 218 3.62 9.03 4.87
C GLY A 218 3.13 9.74 6.13
N VAL A 219 3.74 10.85 6.54
CA VAL A 219 3.15 11.57 7.69
C VAL A 219 3.20 13.09 7.49
N GLU A 220 2.41 13.78 8.32
CA GLU A 220 2.32 15.22 8.30
C GLU A 220 3.17 15.87 9.42
N PRO A 221 4.33 16.46 9.04
CA PRO A 221 5.23 17.14 9.97
C PRO A 221 4.48 18.23 10.65
N ALA A 222 4.59 18.35 11.96
CA ALA A 222 3.72 19.23 12.70
C ALA A 222 4.31 19.76 14.02
N SER A 223 3.68 20.81 14.53
CA SER A 223 4.09 21.41 15.76
C SER A 223 3.67 20.47 16.86
N LEU A 224 4.35 20.56 18.00
CA LEU A 224 4.03 19.75 19.15
C LEU A 224 2.63 20.06 19.59
N GLU A 225 2.27 21.33 19.43
CA GLU A 225 0.97 21.86 19.84
C GLU A 225 -0.17 21.30 18.96
N ASP A 226 -0.01 21.34 17.64
CA ASP A 226 -0.92 20.60 16.74
C ASP A 226 -1.11 19.12 17.12
N VAL A 227 0.00 18.42 17.37
CA VAL A 227 0.00 16.98 17.66
C VAL A 227 -0.73 16.77 18.97
N LEU A 228 -0.46 17.67 19.90
CA LEU A 228 -0.92 17.55 21.25
C LEU A 228 -2.41 17.93 21.33
N THR A 229 -2.86 18.70 20.33
CA THR A 229 -4.11 19.42 20.46
C THR A 229 -5.21 18.99 19.51
N LYS A 230 -4.87 18.89 18.22
CA LYS A 230 -5.82 18.48 17.18
C LYS A 230 -5.80 16.96 16.97
N SER A 231 -5.70 16.20 18.06
CA SER A 231 -5.50 14.75 17.95
C SER A 231 -6.36 13.88 18.88
N ASP A 232 -6.90 12.80 18.32
CA ASP A 232 -7.69 11.85 19.09
C ASP A 232 -6.82 10.76 19.67
N PHE A 233 -5.75 10.42 18.96
CA PHE A 233 -4.78 9.48 19.49
C PHE A 233 -3.38 10.01 19.39
N ILE A 234 -2.74 10.08 20.56
CA ILE A 234 -1.40 10.62 20.70
C ILE A 234 -0.52 9.51 21.27
N PHE A 235 0.55 9.19 20.54
CA PHE A 235 1.56 8.22 20.95
C PHE A 235 2.88 8.94 21.27
N VAL A 236 3.42 8.73 22.47
CA VAL A 236 4.80 9.12 22.81
C VAL A 236 5.80 7.96 22.57
N VAL A 237 6.80 8.21 21.73
CA VAL A 237 7.45 7.14 21.00
C VAL A 237 8.99 7.24 20.98
N ALA A 238 9.50 8.46 21.14
CA ALA A 238 10.93 8.73 21.25
C ALA A 238 11.14 9.95 22.14
N ALA A 239 12.32 10.03 22.76
CA ALA A 239 12.76 11.24 23.49
C ALA A 239 13.24 12.27 22.46
N VAL A 240 13.24 13.55 22.84
CA VAL A 240 13.59 14.62 21.88
C VAL A 240 14.31 15.87 22.42
N THR A 241 15.28 15.79 23.35
CA THR A 241 15.95 14.55 23.77
C THR A 241 16.15 14.44 25.30
N SER A 242 17.25 13.73 25.60
CA SER A 242 17.92 13.62 26.90
C SER A 242 17.00 13.35 28.05
N GLU A 243 16.48 14.43 28.64
CA GLU A 243 15.54 14.35 29.76
C GLU A 243 15.29 12.94 30.33
N PHE A 247 9.02 17.80 29.72
CA PHE A 247 7.89 18.56 29.15
C PHE A 247 6.53 17.93 29.47
N LEU A 248 5.55 18.01 28.54
CA LEU A 248 4.19 17.48 28.77
C LEU A 248 3.75 17.35 30.24
N GLY A 249 3.33 18.47 30.83
CA GLY A 249 2.86 18.49 32.22
C GLY A 249 1.38 18.74 32.35
N ALA A 250 0.95 19.22 33.51
CA ALA A 250 -0.47 19.45 33.79
C ALA A 250 -1.12 20.27 32.67
N GLU A 251 -0.35 21.22 32.15
CA GLU A 251 -0.80 22.22 31.20
C GLU A 251 -0.89 21.63 29.79
N ALA A 252 0.09 20.80 29.45
CA ALA A 252 0.05 20.05 28.20
C ALA A 252 -1.20 19.13 28.11
N PHE A 253 -1.58 18.50 29.22
CA PHE A 253 -2.70 17.57 29.17
C PHE A 253 -4.07 18.18 28.90
N SER A 254 -4.44 19.18 29.69
CA SER A 254 -5.62 20.01 29.42
C SER A 254 -5.69 20.53 27.97
N SER A 255 -4.53 20.87 27.40
CA SER A 255 -4.47 21.36 26.03
C SER A 255 -5.09 20.42 24.99
N ARG A 257 -7.79 17.34 23.26
CA ARG A 257 -9.22 17.16 23.00
C ARG A 257 -9.83 16.40 24.13
N ARG A 258 -11.15 16.30 24.11
CA ARG A 258 -11.90 15.86 25.28
C ARG A 258 -11.61 14.39 25.59
N GLY A 259 -12.27 13.45 24.89
CA GLY A 259 -12.00 12.04 25.14
C GLY A 259 -10.74 11.59 24.41
N ALA A 260 -9.61 12.13 24.79
CA ALA A 260 -8.41 11.88 24.03
C ALA A 260 -7.71 10.61 24.48
N ALA A 261 -7.08 9.93 23.53
CA ALA A 261 -6.31 8.74 23.84
C ALA A 261 -4.82 9.06 23.81
N PHE A 262 -4.18 8.87 24.96
CA PHE A 262 -2.77 9.18 25.16
C PHE A 262 -1.97 7.93 25.54
N ILE A 263 -1.00 7.58 24.68
CA ILE A 263 -0.35 6.29 24.79
C ILE A 263 1.18 6.42 24.95
N LEU A 264 1.66 6.03 26.10
CA LEU A 264 3.08 6.24 26.47
C LEU A 264 3.94 4.97 26.28
N LEU A 265 4.86 5.04 25.31
CA LEU A 265 5.61 3.85 24.92
C LEU A 265 7.09 3.93 25.20
N SER A 266 7.61 5.13 25.38
CA SER A 266 9.04 5.27 25.64
C SER A 266 9.27 6.34 26.69
N ARG A 267 10.07 6.01 27.70
CA ARG A 267 10.67 7.04 28.54
C ARG A 267 9.59 7.71 29.40
N ALA A 268 9.51 7.32 30.67
CA ALA A 268 8.50 7.91 31.55
C ALA A 268 8.92 9.30 32.00
N ASP A 269 10.23 9.55 31.97
CA ASP A 269 10.75 10.79 32.50
C ASP A 269 10.32 12.07 31.73
N VAL A 270 9.60 11.89 30.61
CA VAL A 270 9.23 13.02 29.74
C VAL A 270 7.91 13.71 30.13
N VAL A 271 7.07 12.99 30.89
CA VAL A 271 5.73 13.46 31.31
C VAL A 271 5.72 13.65 32.80
N ASP A 272 4.80 14.47 33.30
CA ASP A 272 4.58 14.49 34.73
C ASP A 272 3.52 13.48 35.09
N PHE A 273 3.92 12.44 35.81
CA PHE A 273 3.01 11.34 35.98
C PHE A 273 1.74 11.75 36.69
N ASP A 274 1.89 12.43 37.83
CA ASP A 274 0.74 12.86 38.62
C ASP A 274 -0.06 13.92 37.85
N ALA A 275 0.60 14.68 36.99
CA ALA A 275 -0.12 15.55 36.06
C ALA A 275 -0.99 14.70 35.14
N LEU A 276 -0.42 13.61 34.61
CA LEU A 276 -1.17 12.67 33.75
C LEU A 276 -2.32 11.94 34.48
N ALA A 278 -3.88 12.91 37.10
CA ALA A 278 -4.86 13.95 37.36
C ALA A 278 -5.86 14.09 36.21
N ALA A 279 -5.35 14.18 34.98
CA ALA A 279 -6.20 14.31 33.78
C ALA A 279 -7.05 13.07 33.52
N VAL A 280 -6.63 11.94 34.06
CA VAL A 280 -7.40 10.71 33.89
C VAL A 280 -8.57 10.60 34.87
N SER A 281 -8.30 10.73 36.18
CA SER A 281 -9.39 10.68 37.18
C SER A 281 -10.40 11.78 36.86
N SER A 282 -9.89 13.00 36.67
CA SER A 282 -10.72 14.12 36.22
C SER A 282 -11.61 13.62 35.11
N GLY A 283 -11.11 12.63 34.40
CA GLY A 283 -11.86 12.00 33.34
C GLY A 283 -11.78 12.83 32.08
N HIS A 284 -10.71 13.63 31.96
CA HIS A 284 -10.53 14.40 30.74
C HIS A 284 -10.18 13.48 29.63
N ILE A 285 -8.90 13.06 29.62
CA ILE A 285 -8.37 12.08 28.67
C ILE A 285 -8.46 10.68 29.23
N VAL A 286 -8.26 9.71 28.34
CA VAL A 286 -8.08 8.30 28.71
C VAL A 286 -6.65 7.86 28.32
N ALA A 287 -6.08 6.87 29.01
CA ALA A 287 -4.66 6.55 28.77
C ALA A 287 -4.11 5.10 28.97
N ALA A 288 -2.91 4.86 28.46
CA ALA A 288 -2.17 3.60 28.67
C ALA A 288 -0.70 3.85 28.51
N SER A 289 0.08 3.42 29.48
CA SER A 289 1.52 3.47 29.36
C SER A 289 2.11 2.08 29.59
N ASP A 290 3.32 1.88 29.07
CA ASP A 290 4.13 0.69 29.34
C ASP A 290 5.32 1.03 30.20
N VAL A 291 5.55 2.32 30.42
CA VAL A 291 6.68 2.72 31.23
C VAL A 291 6.21 3.58 32.39
N TYR A 292 6.97 3.60 33.47
CA TYR A 292 6.52 4.22 34.72
C TYR A 292 7.68 4.95 35.40
N PRO A 293 7.38 5.94 36.26
CA PRO A 293 8.45 6.75 36.85
C PRO A 293 9.40 5.93 37.70
N GLU A 294 8.91 4.79 38.21
CA GLU A 294 9.76 3.85 38.94
C GLU A 294 9.39 2.37 38.62
N GLU A 295 10.41 1.53 38.42
CA GLU A 295 10.16 0.18 37.94
C GLU A 295 11.03 -0.84 38.64
N PRO A 296 10.40 -1.71 39.44
CA PRO A 296 8.93 -1.80 39.50
C PRO A 296 8.32 -0.72 40.41
N LEU A 297 7.03 -0.46 40.20
CA LEU A 297 6.28 0.52 40.94
C LEU A 297 5.93 -0.05 42.32
N PRO A 298 5.99 0.77 43.40
CA PRO A 298 5.60 0.20 44.70
C PRO A 298 4.18 -0.33 44.63
N LEU A 299 3.88 -1.33 45.47
CA LEU A 299 2.58 -2.00 45.46
C LEU A 299 1.40 -1.06 45.83
N ASP A 300 1.64 -0.12 46.75
CA ASP A 300 0.61 0.82 47.22
C ASP A 300 0.23 1.91 46.19
N HIS A 301 1.09 2.13 45.21
CA HIS A 301 0.96 3.19 44.21
C HIS A 301 -0.44 3.42 43.67
N PRO A 302 -0.84 4.70 43.58
CA PRO A 302 -2.16 5.05 43.06
C PRO A 302 -2.49 4.45 41.70
N VAL A 303 -1.52 4.38 40.79
CA VAL A 303 -1.80 4.05 39.38
C VAL A 303 -2.60 2.77 39.23
N ARG A 304 -2.52 1.91 40.22
CA ARG A 304 -3.14 0.61 40.15
C ARG A 304 -4.68 0.62 40.17
N SER A 305 -5.27 1.56 40.89
CA SER A 305 -6.73 1.61 40.99
C SER A 305 -7.42 2.48 39.93
N LEU A 306 -6.66 3.36 39.31
CA LEU A 306 -7.24 4.38 38.44
C LEU A 306 -8.04 3.79 37.28
N LYS A 307 -9.35 4.03 37.26
CA LYS A 307 -10.15 3.66 36.09
C LYS A 307 -9.70 4.51 34.89
N GLY A 308 -9.69 3.89 33.71
CA GLY A 308 -9.48 4.63 32.46
C GLY A 308 -8.04 4.66 32.00
N PHE A 309 -7.18 3.96 32.74
CA PHE A 309 -5.76 3.90 32.47
C PHE A 309 -5.34 2.43 32.29
N ILE A 310 -5.02 2.04 31.04
CA ILE A 310 -4.49 0.68 30.74
C ILE A 310 -3.01 0.51 31.11
N ARG A 311 -2.72 -0.51 31.94
CA ARG A 311 -1.38 -0.77 32.50
C ARG A 311 -0.61 -1.94 31.84
N SER A 312 0.72 -1.80 31.77
CA SER A 312 1.61 -2.72 31.09
C SER A 312 3.02 -2.64 31.70
N ALA A 313 3.48 -3.72 32.33
CA ALA A 313 4.73 -3.74 33.09
C ALA A 313 6.06 -3.73 32.30
N HIS A 314 6.31 -2.63 31.60
CA HIS A 314 7.52 -2.41 30.78
C HIS A 314 7.89 -3.62 29.94
N ARG A 315 6.91 -4.11 29.18
CA ARG A 315 7.08 -5.34 28.42
C ARG A 315 6.70 -5.16 26.96
N ALA A 316 6.79 -3.95 26.44
CA ALA A 316 6.37 -3.70 25.08
C ALA A 316 7.36 -4.30 24.07
N GLY A 317 8.62 -4.41 24.47
CA GLY A 317 9.69 -4.80 23.54
C GLY A 317 10.41 -6.13 23.77
N ALA A 318 10.47 -6.62 25.01
CA ALA A 318 11.18 -7.85 25.33
C ALA A 318 10.45 -9.12 24.91
N LEU A 319 10.47 -9.41 23.60
CA LEU A 319 9.92 -10.67 23.06
C LEU A 319 11.06 -11.50 22.53
N ASP A 320 11.01 -12.84 22.70
CA ASP A 320 12.08 -13.70 22.20
C ASP A 320 12.38 -13.37 20.74
N SER A 321 11.35 -13.33 19.89
CA SER A 321 11.56 -13.13 18.49
C SER A 321 12.26 -11.80 18.15
N ALA A 322 12.18 -10.82 19.07
CA ALA A 322 12.87 -9.57 18.89
C ALA A 322 14.34 -9.81 19.04
N PHE A 323 14.67 -10.57 20.08
CA PHE A 323 16.05 -10.94 20.32
C PHE A 323 16.61 -11.85 19.25
N LYS A 324 15.83 -12.78 18.74
CA LYS A 324 16.35 -13.64 17.68
C LYS A 324 16.64 -12.86 16.42
N LYS A 325 15.97 -11.72 16.27
CA LYS A 325 16.21 -10.88 15.10
C LYS A 325 17.59 -10.21 15.21
N GLY A 327 20.23 -11.53 16.04
CA GLY A 327 21.15 -12.48 15.42
C GLY A 327 21.21 -12.38 13.92
N ASP A 328 20.03 -12.37 13.30
CA ASP A 328 19.89 -12.22 11.86
C ASP A 328 20.58 -11.00 11.32
N VAL A 330 23.14 -8.96 12.76
CA VAL A 330 24.55 -9.27 12.92
C VAL A 330 25.10 -10.10 11.75
N LEU A 331 24.36 -11.12 11.37
CA LEU A 331 24.75 -12.01 10.30
C LEU A 331 24.77 -11.27 8.95
N GLU A 332 23.70 -10.56 8.67
CA GLU A 332 23.67 -9.77 7.48
C GLU A 332 24.82 -8.77 7.47
N ASP A 333 24.98 -8.00 8.54
CA ASP A 333 26.05 -7.04 8.53
C ASP A 333 27.45 -7.65 8.44
N ASP A 335 28.26 -10.32 6.78
CA ASP A 335 28.40 -10.80 5.45
C ASP A 335 28.73 -9.69 4.46
N LEU A 336 28.11 -8.51 4.67
CA LEU A 336 28.48 -7.33 3.90
C LEU A 336 29.93 -6.90 4.14
N ASP A 338 32.42 -8.69 5.33
CA ASP A 338 33.28 -9.71 4.73
C ASP A 338 33.53 -9.43 3.24
N ARG A 339 32.46 -9.18 2.49
CA ARG A 339 32.54 -8.86 1.08
C ARG A 339 32.94 -7.41 0.83
N GLY A 340 33.71 -6.83 1.75
CA GLY A 340 34.21 -5.44 1.64
C GLY A 340 33.22 -4.27 1.79
N LEU A 341 31.92 -4.53 1.95
CA LEU A 341 30.96 -3.42 1.91
C LEU A 341 30.56 -2.86 3.30
N PRO A 342 30.00 -1.64 3.31
CA PRO A 342 29.51 -0.98 4.52
C PRO A 342 28.29 -1.66 5.09
N PRO A 343 28.19 -1.67 6.43
CA PRO A 343 27.06 -2.33 7.07
C PRO A 343 25.80 -1.51 6.82
N ARG A 345 22.36 -2.93 7.94
CA ARG A 345 21.20 -3.48 8.61
C ARG A 345 20.99 -2.91 10.01
N CYS A 346 22.07 -2.88 10.78
CA CYS A 346 22.03 -2.35 12.12
C CYS A 346 22.38 -0.87 12.03
N LYS A 347 22.04 -0.10 13.05
CA LYS A 347 22.28 1.34 13.04
C LYS A 347 23.77 1.70 13.19
N ARG A 348 24.25 2.66 12.40
CA ARG A 348 25.61 3.19 12.58
C ARG A 348 25.63 4.32 13.63
N ALA A 349 26.81 4.63 14.17
CA ALA A 349 27.05 5.78 15.07
C ALA A 349 28.15 6.72 14.54
N GLU A 350 28.12 8.03 14.84
CA GLU A 350 29.14 8.97 14.30
C GLU A 350 29.41 10.27 15.06
N ARG A 351 28.33 10.97 15.33
CA ARG A 351 28.38 12.39 15.64
C ARG A 351 27.94 12.54 17.06
N GLU A 352 28.30 11.59 17.91
CA GLU A 352 27.78 11.59 19.27
C GLU A 352 28.85 11.53 20.29
N THR A 353 29.31 12.74 20.64
CA THR A 353 29.94 13.02 21.91
C THR A 353 28.83 13.23 22.95
N VAL A 354 29.12 12.79 24.18
CA VAL A 354 28.11 12.69 25.24
C VAL A 354 28.72 12.95 26.62
N ARG B 28 -41.59 15.41 -2.04
CA ARG B 28 -41.59 15.19 -3.51
C ARG B 28 -42.09 13.82 -4.02
N PRO B 29 -41.32 12.71 -3.78
CA PRO B 29 -41.91 11.38 -4.00
C PRO B 29 -42.14 10.68 -2.67
N LEU B 30 -42.69 9.47 -2.67
CA LEU B 30 -43.22 8.89 -1.41
C LEU B 30 -42.50 7.64 -0.84
N ALA B 31 -42.30 7.68 0.47
CA ALA B 31 -41.56 6.65 1.23
C ALA B 31 -42.18 6.31 2.60
N ILE B 32 -42.41 5.01 2.82
CA ILE B 32 -42.88 4.50 4.09
C ILE B 32 -41.68 4.34 5.01
N SER B 33 -41.78 4.91 6.21
CA SER B 33 -40.77 4.76 7.23
C SER B 33 -41.20 3.79 8.33
N ALA B 34 -40.81 2.53 8.22
CA ALA B 34 -41.08 1.56 9.30
C ALA B 34 -39.88 0.70 9.73
N PRO B 35 -38.82 1.34 10.26
CA PRO B 35 -37.63 0.56 10.60
C PRO B 35 -37.90 -0.27 11.85
N GLU B 36 -37.12 -1.31 12.07
CA GLU B 36 -37.55 -2.31 13.05
C GLU B 36 -37.22 -1.91 14.49
N PRO B 37 -36.11 -2.44 15.06
CA PRO B 37 -35.60 -1.82 16.29
C PRO B 37 -34.82 -0.55 15.93
N ARG B 38 -34.47 -0.39 14.67
CA ARG B 38 -33.81 0.84 14.23
C ARG B 38 -34.80 1.99 14.00
N SER B 39 -34.60 3.12 14.69
CA SER B 39 -35.44 4.29 14.52
C SER B 39 -34.77 5.29 13.58
N LEU B 40 -35.54 6.18 12.98
CA LEU B 40 -34.97 7.24 12.14
C LEU B 40 -33.95 8.13 12.86
N ASP B 41 -34.24 8.47 14.12
CA ASP B 41 -33.30 9.22 14.96
C ASP B 41 -31.90 8.61 14.85
N LEU B 42 -31.76 7.38 15.36
CA LEU B 42 -30.49 6.64 15.42
C LEU B 42 -29.68 6.55 14.12
N ILE B 43 -30.33 6.14 13.04
CA ILE B 43 -29.62 5.89 11.79
C ILE B 43 -29.46 7.15 10.92
N PHE B 44 -29.59 8.32 11.54
CA PHE B 44 -29.54 9.58 10.79
C PHE B 44 -28.95 10.76 11.57
N SER B 45 -27.99 11.41 10.95
CA SER B 45 -27.48 12.68 11.46
C SER B 45 -28.37 13.81 10.94
N ASP B 46 -28.41 14.88 11.74
CA ASP B 46 -29.16 16.10 11.42
C ASP B 46 -29.04 16.46 9.94
N GLU B 47 -27.84 16.33 9.40
CA GLU B 47 -27.60 16.59 8.00
C GLU B 47 -28.51 15.76 7.10
N ALA B 48 -28.39 14.43 7.18
CA ALA B 48 -29.12 13.51 6.30
C ALA B 48 -30.62 13.41 6.66
N ARG B 49 -30.93 13.65 7.94
CA ARG B 49 -32.30 13.71 8.43
C ARG B 49 -33.03 14.86 7.70
N ALA B 50 -32.64 16.10 8.02
CA ALA B 50 -33.25 17.29 7.43
C ALA B 50 -33.21 17.32 5.90
N ALA B 51 -32.34 16.51 5.29
CA ALA B 51 -32.26 16.44 3.84
C ALA B 51 -33.32 15.50 3.28
N LEU B 52 -33.95 14.73 4.19
CA LEU B 52 -34.84 13.61 3.81
C LEU B 52 -36.31 13.95 3.51
N HIS B 53 -36.98 14.68 4.41
CA HIS B 53 -38.35 15.15 4.15
C HIS B 53 -38.24 16.33 3.26
N SER B 54 -37.12 17.03 3.41
CA SER B 54 -36.68 18.04 2.47
C SER B 54 -36.76 17.49 1.03
N LYS B 55 -36.42 16.22 0.86
CA LYS B 55 -36.38 15.59 -0.46
C LYS B 55 -37.55 14.63 -0.70
N TYR B 56 -38.05 14.02 0.39
CA TYR B 56 -39.10 13.01 0.33
C TYR B 56 -40.29 13.28 1.25
N GLU B 57 -41.47 12.86 0.80
CA GLU B 57 -42.65 12.77 1.64
C GLU B 57 -42.58 11.43 2.36
N ILE B 58 -42.27 11.47 3.65
CA ILE B 58 -42.10 10.21 4.40
C ILE B 58 -43.09 10.03 5.57
N VAL B 59 -43.67 8.84 5.64
CA VAL B 59 -44.67 8.57 6.66
C VAL B 59 -44.27 7.43 7.59
N GLU B 60 -44.06 7.76 8.88
CA GLU B 60 -43.90 6.74 9.91
C GLU B 60 -45.14 5.83 9.88
N ALA B 61 -45.01 4.61 10.42
CA ALA B 61 -46.06 3.61 10.31
C ALA B 61 -45.73 2.38 11.14
N ASP B 62 -46.67 1.93 11.97
CA ASP B 62 -46.52 0.67 12.70
C ASP B 62 -46.07 -0.41 11.74
N PRO B 63 -44.85 -0.97 11.95
CA PRO B 63 -44.30 -1.93 10.98
C PRO B 63 -45.08 -3.25 10.90
N GLU B 64 -45.89 -3.54 11.92
CA GLU B 64 -46.67 -4.77 11.91
C GLU B 64 -48.08 -4.58 11.32
N ASN B 65 -48.51 -3.33 11.14
CA ASN B 65 -49.78 -3.03 10.48
C ASN B 65 -49.62 -2.18 9.21
N ILE B 66 -48.85 -2.70 8.26
CA ILE B 66 -48.53 -1.91 7.09
C ILE B 66 -49.62 -2.00 6.02
N ALA B 67 -50.44 -3.04 6.09
CA ALA B 67 -51.59 -3.17 5.18
C ALA B 67 -52.64 -2.10 5.44
N GLY B 68 -52.69 -1.59 6.67
CA GLY B 68 -53.73 -0.67 7.09
C GLY B 68 -53.35 0.81 6.98
N LEU B 69 -52.38 1.07 6.13
CA LEU B 69 -52.01 2.44 5.85
C LEU B 69 -52.98 2.88 4.77
N GLY B 70 -53.31 4.16 4.72
CA GLY B 70 -54.23 4.68 3.69
C GLY B 70 -53.87 4.20 2.29
N ASP B 71 -54.89 3.83 1.50
CA ASP B 71 -54.65 3.22 0.18
C ASP B 71 -54.27 4.22 -0.90
N ASP B 72 -54.51 5.50 -0.59
CA ASP B 72 -53.94 6.57 -1.37
C ASP B 72 -52.42 6.41 -1.26
N ILE B 73 -51.96 6.18 -0.03
CA ILE B 73 -50.54 5.97 0.26
C ILE B 73 -50.04 4.71 -0.45
N LEU B 74 -50.38 3.54 0.06
CA LEU B 74 -49.92 2.27 -0.55
C LEU B 74 -49.74 2.33 -2.06
N GLY B 75 -50.79 2.73 -2.76
CA GLY B 75 -50.84 2.66 -4.22
C GLY B 75 -49.76 3.43 -4.92
N ARG B 76 -49.22 4.45 -4.25
CA ARG B 76 -48.23 5.35 -4.85
C ARG B 76 -46.81 5.35 -4.20
N ALA B 77 -46.69 5.05 -2.91
CA ALA B 77 -45.39 5.05 -2.24
C ALA B 77 -44.40 4.12 -2.95
N ARG B 78 -43.16 4.60 -3.06
CA ARG B 78 -42.12 3.98 -3.89
C ARG B 78 -40.89 3.40 -3.18
N TYR B 79 -40.71 3.74 -1.91
CA TYR B 79 -39.67 3.13 -1.09
C TYR B 79 -40.16 2.75 0.31
N ILE B 80 -39.77 1.58 0.77
CA ILE B 80 -39.96 1.23 2.19
C ILE B 80 -38.61 1.17 2.91
N ILE B 81 -38.52 1.86 4.03
CA ILE B 81 -37.31 1.93 4.78
C ILE B 81 -37.59 1.24 6.09
N GLY B 82 -37.30 -0.06 6.13
CA GLY B 82 -37.62 -0.89 7.29
C GLY B 82 -37.63 -2.32 6.83
N GLN B 83 -38.09 -3.22 7.70
CA GLN B 83 -38.14 -4.64 7.41
C GLN B 83 -39.52 -5.19 7.71
N PRO B 84 -40.58 -4.45 7.33
CA PRO B 84 -41.88 -4.82 7.90
C PRO B 84 -42.44 -6.07 7.22
N PRO B 85 -43.18 -6.90 7.96
CA PRO B 85 -43.78 -8.01 7.21
C PRO B 85 -44.85 -7.54 6.17
N LEU B 86 -44.84 -8.20 5.02
CA LEU B 86 -45.73 -7.86 3.90
C LEU B 86 -46.40 -9.08 3.30
N SER B 87 -47.73 -9.00 3.12
CA SER B 87 -48.46 -10.03 2.38
C SER B 87 -48.63 -9.61 0.92
N ALA B 88 -48.75 -10.59 0.04
CA ALA B 88 -49.14 -10.33 -1.35
C ALA B 88 -50.25 -9.26 -1.48
N GLU B 89 -51.29 -9.35 -0.65
CA GLU B 89 -52.42 -8.41 -0.69
C GLU B 89 -51.96 -6.97 -0.48
N THR B 90 -51.04 -6.78 0.46
CA THR B 90 -50.42 -5.49 0.73
C THR B 90 -49.49 -5.13 -0.43
N LEU B 91 -48.99 -6.14 -1.13
CA LEU B 91 -48.05 -5.93 -2.23
C LEU B 91 -48.72 -5.46 -3.52
N ALA B 92 -49.70 -6.23 -4.00
CA ALA B 92 -50.48 -5.87 -5.19
C ALA B 92 -51.14 -4.48 -5.08
N ARG B 93 -51.11 -3.89 -3.89
CA ARG B 93 -51.63 -2.53 -3.70
C ARG B 93 -50.50 -1.52 -3.65
N PRO B 95 -48.18 -0.74 -6.41
CA PRO B 95 -47.70 -0.96 -7.76
C PRO B 95 -46.49 -0.07 -7.97
N ALA B 96 -46.45 1.03 -7.22
CA ALA B 96 -45.39 2.02 -7.31
C ALA B 96 -44.04 1.44 -6.86
N LEU B 97 -43.84 1.36 -5.53
CA LEU B 97 -42.70 0.67 -4.87
C LEU B 97 -41.62 0.09 -5.77
N ARG B 98 -40.44 0.71 -5.80
CA ARG B 98 -39.31 0.16 -6.56
C ARG B 98 -38.23 -0.53 -5.70
N SER B 99 -38.16 -0.17 -4.42
CA SER B 99 -37.27 -0.86 -3.50
C SER B 99 -37.70 -0.85 -2.03
N ILE B 100 -37.36 -1.95 -1.35
CA ILE B 100 -37.36 -2.01 0.11
C ILE B 100 -35.90 -1.93 0.61
N LEU B 101 -35.66 -0.94 1.45
CA LEU B 101 -34.34 -0.67 1.99
C LEU B 101 -34.27 -1.12 3.44
N ASN B 102 -33.60 -2.24 3.66
CA ASN B 102 -33.53 -2.78 5.02
C ASN B 102 -32.32 -2.28 5.85
N VAL B 103 -32.60 -1.86 7.08
CA VAL B 103 -31.62 -1.28 7.99
C VAL B 103 -31.40 -2.17 9.22
N GLU B 104 -31.65 -3.45 9.02
CA GLU B 104 -31.28 -4.47 9.97
C GLU B 104 -30.46 -5.40 9.10
N SER B 105 -29.19 -5.61 9.47
CA SER B 105 -28.26 -6.34 8.60
C SER B 105 -28.80 -7.64 7.93
N ASN B 106 -29.53 -8.47 8.67
CA ASN B 106 -29.93 -9.81 8.16
C ASN B 106 -31.34 -9.93 7.55
N LEU B 107 -31.41 -10.36 6.30
CA LEU B 107 -32.68 -10.52 5.57
C LEU B 107 -33.71 -11.40 6.32
N LEU B 108 -34.96 -10.97 6.36
CA LEU B 108 -36.01 -11.72 7.09
C LEU B 108 -37.03 -12.42 6.21
N ASN B 109 -37.39 -13.64 6.60
CA ASN B 109 -38.45 -14.46 5.98
C ASN B 109 -39.84 -13.86 6.27
N ASN B 110 -40.11 -12.74 5.60
CA ASN B 110 -41.00 -11.71 6.10
C ASN B 110 -42.15 -11.35 5.17
N PRO B 112 -43.53 -11.91 0.54
CA PRO B 112 -43.34 -12.66 -0.71
C PRO B 112 -42.12 -12.21 -1.55
N TYR B 113 -40.97 -12.88 -1.36
CA TYR B 113 -39.74 -12.58 -2.11
C TYR B 113 -39.77 -13.09 -3.56
N GLU B 114 -40.96 -13.45 -4.02
CA GLU B 114 -41.12 -13.94 -5.38
C GLU B 114 -41.75 -12.86 -6.24
N VAL B 115 -42.71 -12.13 -5.66
CA VAL B 115 -43.32 -11.00 -6.36
C VAL B 115 -42.27 -9.90 -6.58
N LEU B 116 -41.56 -9.52 -5.51
CA LEU B 116 -40.37 -8.68 -5.63
C LEU B 116 -39.40 -9.56 -6.41
N PHE B 117 -39.10 -9.16 -7.65
CA PHE B 117 -38.39 -9.99 -8.65
C PHE B 117 -39.08 -9.79 -10.00
N GLN B 118 -40.35 -10.22 -10.08
CA GLN B 118 -41.22 -9.87 -11.20
C GLN B 118 -41.46 -8.37 -11.19
N ARG B 119 -42.15 -7.89 -10.15
CA ARG B 119 -42.34 -6.45 -9.90
C ARG B 119 -41.00 -5.71 -10.00
N GLY B 120 -39.90 -6.48 -9.99
CA GLY B 120 -38.56 -5.94 -10.12
C GLY B 120 -38.10 -5.18 -8.90
N ILE B 121 -38.66 -5.49 -7.74
CA ILE B 121 -38.37 -4.71 -6.54
C ILE B 121 -37.04 -5.14 -5.93
N HIS B 122 -36.25 -4.14 -5.56
CA HIS B 122 -34.97 -4.37 -4.91
C HIS B 122 -35.13 -4.40 -3.43
N VAL B 123 -34.53 -5.41 -2.80
CA VAL B 123 -34.33 -5.43 -1.35
C VAL B 123 -32.85 -5.20 -1.09
N VAL B 124 -32.56 -4.15 -0.33
CA VAL B 124 -31.18 -3.78 -0.08
C VAL B 124 -30.82 -3.84 1.40
N THR B 125 -29.56 -4.19 1.61
CA THR B 125 -29.02 -4.39 2.95
C THR B 125 -28.02 -3.29 3.19
N THR B 126 -27.96 -2.81 4.42
CA THR B 126 -26.97 -1.80 4.79
C THR B 126 -25.91 -2.42 5.68
N GLY B 127 -25.85 -3.75 5.71
CA GLY B 127 -25.03 -4.50 6.68
C GLY B 127 -23.53 -4.26 6.65
N GLN B 128 -23.03 -3.73 5.54
CA GLN B 128 -21.61 -3.49 5.37
C GLN B 128 -21.01 -2.51 6.40
N VAL B 129 -21.84 -1.66 6.99
CA VAL B 129 -21.37 -0.65 7.94
C VAL B 129 -20.86 -1.24 9.25
N PHE B 130 -21.01 -2.55 9.40
CA PHE B 130 -20.49 -3.20 10.59
C PHE B 130 -19.16 -3.87 10.29
N ALA B 131 -18.66 -3.67 9.08
CA ALA B 131 -17.44 -4.33 8.68
C ALA B 131 -16.26 -3.64 9.36
N GLU B 132 -16.06 -2.34 9.12
CA GLU B 132 -14.98 -1.58 9.80
C GLU B 132 -14.98 -1.76 11.33
N PRO B 133 -16.07 -1.40 12.04
CA PRO B 133 -15.99 -1.49 13.51
C PRO B 133 -15.66 -2.89 14.03
N VAL B 134 -16.13 -3.93 13.35
CA VAL B 134 -15.84 -5.30 13.78
C VAL B 134 -14.38 -5.68 13.44
N ALA B 135 -13.98 -5.50 12.18
CA ALA B 135 -12.57 -5.60 11.82
C ALA B 135 -11.73 -4.96 12.93
N GLU B 136 -11.99 -3.67 13.15
CA GLU B 136 -11.21 -2.90 14.09
C GLU B 136 -11.11 -3.59 15.44
N ILE B 137 -12.25 -4.00 16.00
CA ILE B 137 -12.17 -4.61 17.33
C ILE B 137 -11.59 -6.03 17.25
N GLY B 138 -11.70 -6.64 16.07
CA GLY B 138 -11.10 -7.95 15.85
C GLY B 138 -9.58 -7.88 15.96
N LEU B 139 -9.00 -6.87 15.31
CA LEU B 139 -7.57 -6.64 15.45
C LEU B 139 -7.25 -6.37 16.93
N GLY B 140 -8.14 -5.65 17.60
CA GLY B 140 -8.02 -5.45 19.02
C GLY B 140 -7.87 -6.74 19.81
N PHE B 141 -8.77 -7.69 19.66
CA PHE B 141 -8.63 -8.99 20.38
C PHE B 141 -7.35 -9.74 20.04
N ALA B 142 -7.11 -9.94 18.74
CA ALA B 142 -5.91 -10.61 18.28
C ALA B 142 -4.66 -10.08 18.98
N LEU B 143 -4.43 -8.76 18.91
CA LEU B 143 -3.26 -8.18 19.57
C LEU B 143 -3.29 -8.38 21.08
N ALA B 144 -4.50 -8.40 21.64
CA ALA B 144 -4.67 -8.56 23.07
C ALA B 144 -4.42 -10.02 23.42
N LEU B 145 -5.01 -10.90 22.60
CA LEU B 145 -4.74 -12.35 22.69
C LEU B 145 -3.28 -12.63 22.46
N ALA B 146 -2.78 -12.13 21.34
CA ALA B 146 -1.35 -12.26 21.00
C ALA B 146 -0.43 -11.73 22.09
N ARG B 147 -0.90 -10.84 22.97
CA ARG B 147 0.06 -10.17 23.86
C ARG B 147 -0.29 -9.98 25.31
N GLY B 148 -1.40 -10.56 25.73
CA GLY B 148 -1.75 -10.62 27.14
C GLY B 148 -2.06 -9.27 27.74
N ILE B 149 -2.59 -8.37 26.89
CA ILE B 149 -2.91 -6.99 27.25
C ILE B 149 -3.86 -6.92 28.44
N VAL B 150 -4.95 -7.70 28.37
CA VAL B 150 -5.96 -7.72 29.41
C VAL B 150 -5.45 -8.31 30.71
N ASP B 151 -4.80 -9.47 30.65
CA ASP B 151 -4.36 -10.03 31.93
C ASP B 151 -3.05 -9.40 32.41
N ALA B 152 -2.43 -8.59 31.57
CA ALA B 152 -1.33 -7.76 32.03
C ALA B 152 -1.91 -6.62 32.86
N ASP B 153 -3.11 -6.19 32.50
CA ASP B 153 -3.70 -5.05 33.16
C ASP B 153 -4.31 -5.49 34.47
N ILE B 154 -5.06 -6.58 34.41
CA ILE B 154 -5.72 -7.13 35.59
C ILE B 154 -4.67 -7.41 36.68
N ALA B 155 -3.60 -8.10 36.29
CA ALA B 155 -2.44 -8.31 37.15
C ALA B 155 -1.88 -7.01 37.80
N PHE B 156 -1.86 -5.92 37.03
CA PHE B 156 -1.23 -4.68 37.45
C PHE B 156 -2.16 -4.00 38.46
N GLN B 157 -3.46 -4.22 38.29
CA GLN B 157 -4.44 -3.82 39.31
C GLN B 157 -4.18 -4.55 40.63
N GLU B 158 -3.94 -5.85 40.56
CA GLU B 158 -3.89 -6.67 41.77
C GLU B 158 -2.48 -6.86 42.33
N GLY B 159 -1.48 -6.31 41.65
CA GLY B 159 -0.09 -6.41 42.12
C GLY B 159 0.67 -7.64 41.68
N THR B 160 0.06 -8.44 40.80
CA THR B 160 0.58 -9.73 40.34
C THR B 160 1.88 -9.63 39.50
N GLU B 161 1.98 -8.62 38.64
CA GLU B 161 3.26 -8.17 38.05
C GLU B 161 3.97 -9.05 37.02
N LEU B 162 5.25 -9.33 37.25
CA LEU B 162 6.14 -9.87 36.20
C LEU B 162 6.46 -8.78 35.15
N TRP B 163 7.63 -8.18 35.33
CA TRP B 163 8.10 -7.05 34.52
C TRP B 163 8.99 -7.47 33.39
N GLY B 164 9.03 -6.63 32.37
CA GLY B 164 9.80 -6.90 31.18
C GLY B 164 9.62 -8.31 30.64
N GLY B 165 10.75 -8.94 30.34
CA GLY B 165 10.79 -10.26 29.69
C GLY B 165 10.14 -11.41 30.43
N GLU B 166 9.99 -11.29 31.74
CA GLU B 166 9.30 -12.32 32.54
C GLU B 166 7.82 -12.53 32.15
N GLY B 167 7.15 -11.48 31.63
CA GLY B 167 5.73 -11.59 31.30
C GLY B 167 5.49 -12.19 29.92
N ASN B 168 6.56 -12.29 29.14
CA ASN B 168 6.42 -12.43 27.70
C ASN B 168 6.69 -13.81 27.11
N ALA B 169 6.88 -14.81 27.98
CA ALA B 169 7.13 -16.20 27.57
C ALA B 169 6.37 -16.66 26.33
N SER B 170 5.11 -16.25 26.22
CA SER B 170 4.28 -16.65 25.09
C SER B 170 3.56 -15.44 24.51
N ALA B 171 4.29 -14.33 24.43
CA ALA B 171 3.85 -13.17 23.71
C ALA B 171 4.49 -13.19 22.34
N ARG B 172 3.70 -13.02 21.27
CA ARG B 172 4.21 -13.05 19.89
C ARG B 172 3.74 -11.87 18.99
N LEU B 173 4.38 -11.71 17.83
CA LEU B 173 3.99 -10.71 16.83
C LEU B 173 2.98 -11.28 15.88
N ILE B 174 2.21 -10.42 15.25
CA ILE B 174 1.21 -10.79 14.25
C ILE B 174 1.85 -10.56 12.87
N ALA B 175 2.66 -9.53 12.80
CA ALA B 175 3.50 -9.28 11.65
C ALA B 175 4.36 -10.52 11.41
N GLY B 176 4.33 -11.01 10.18
CA GLY B 176 5.10 -12.18 9.79
C GLY B 176 4.51 -13.47 10.30
N SER B 177 3.33 -13.38 10.92
CA SER B 177 2.66 -14.57 11.40
C SER B 177 1.69 -15.03 10.35
N GLU B 178 1.02 -16.13 10.66
CA GLU B 178 0.13 -16.80 9.74
C GLU B 178 -1.30 -16.63 10.24
N ILE B 179 -2.11 -15.95 9.45
CA ILE B 179 -3.48 -15.67 9.81
C ILE B 179 -4.36 -16.45 8.86
N GLY B 180 -5.46 -16.97 9.39
CA GLY B 180 -6.48 -17.59 8.56
C GLY B 180 -7.81 -16.99 8.92
N ILE B 181 -8.66 -16.78 7.92
CA ILE B 181 -10.00 -16.32 8.17
C ILE B 181 -10.94 -17.43 7.75
N VAL B 182 -12.15 -17.45 8.32
CA VAL B 182 -13.19 -18.39 7.91
C VAL B 182 -14.37 -17.61 7.35
N GLY B 183 -14.72 -17.89 6.11
CA GLY B 183 -15.69 -17.06 5.42
C GLY B 183 -14.98 -15.77 5.08
N PHE B 184 -15.65 -14.93 4.32
CA PHE B 184 -15.05 -13.68 3.88
C PHE B 184 -16.13 -12.71 3.49
N GLY B 185 -16.71 -12.04 4.48
CA GLY B 185 -17.82 -11.15 4.21
C GLY B 185 -17.36 -9.85 3.60
N ASP B 186 -18.08 -8.78 3.90
CA ASP B 186 -17.49 -7.47 3.89
C ASP B 186 -16.52 -7.45 5.06
N LEU B 187 -16.88 -8.20 6.10
CA LEU B 187 -16.10 -8.33 7.28
C LEU B 187 -14.66 -8.85 6.97
N GLY B 188 -14.54 -9.71 5.98
CA GLY B 188 -13.23 -10.24 5.63
C GLY B 188 -12.41 -9.25 4.84
N LYS B 189 -13.07 -8.53 3.95
CA LYS B 189 -12.41 -7.46 3.20
C LYS B 189 -11.93 -6.41 4.19
N ALA B 190 -12.74 -6.12 5.21
CA ALA B 190 -12.42 -5.11 6.24
C ALA B 190 -11.27 -5.54 7.11
N LEU B 191 -11.22 -6.83 7.42
CA LEU B 191 -10.10 -7.42 8.15
C LEU B 191 -8.80 -7.41 7.31
N ARG B 192 -8.92 -7.76 6.04
CA ARG B 192 -7.80 -7.67 5.14
C ARG B 192 -7.19 -6.28 5.20
N ARG B 193 -8.06 -5.27 5.10
CA ARG B 193 -7.60 -3.90 4.99
C ARG B 193 -6.86 -3.51 6.26
N VAL B 194 -7.43 -3.79 7.44
CA VAL B 194 -6.73 -3.40 8.65
C VAL B 194 -5.39 -4.14 8.83
N LEU B 195 -5.30 -5.39 8.37
CA LEU B 195 -4.05 -6.14 8.48
C LEU B 195 -2.93 -5.65 7.54
N SER B 196 -3.29 -4.88 6.52
CA SER B 196 -2.33 -4.39 5.54
C SER B 196 -0.86 -4.27 5.98
N GLY B 197 -0.60 -3.48 7.02
CA GLY B 197 0.75 -3.19 7.45
C GLY B 197 1.40 -4.29 8.26
N PHE B 198 0.77 -5.46 8.35
CA PHE B 198 1.40 -6.51 9.11
C PHE B 198 2.27 -7.46 8.28
N ARG B 199 2.07 -7.45 6.95
CA ARG B 199 2.71 -8.45 6.06
C ARG B 199 2.62 -9.81 6.71
N ALA B 200 1.40 -10.27 6.88
CA ALA B 200 1.17 -11.60 7.38
C ALA B 200 0.72 -12.42 6.20
N ARG B 201 0.78 -13.74 6.34
CA ARG B 201 0.32 -14.65 5.32
C ARG B 201 -1.17 -14.88 5.53
N ILE B 202 -1.99 -14.32 4.66
CA ILE B 202 -3.41 -14.34 4.93
C ILE B 202 -4.13 -15.42 4.18
N ARG B 203 -4.32 -16.56 4.84
CA ARG B 203 -5.12 -17.67 4.31
C ARG B 203 -6.63 -17.52 4.57
N VAL B 204 -7.43 -17.55 3.52
CA VAL B 204 -8.90 -17.49 3.65
C VAL B 204 -9.60 -18.71 3.06
N PHE B 205 -10.65 -19.17 3.74
CA PHE B 205 -11.45 -20.31 3.35
C PHE B 205 -12.91 -19.85 3.26
N ASP B 206 -13.48 -19.94 2.06
CA ASP B 206 -14.85 -19.49 1.78
C ASP B 206 -15.38 -20.19 0.54
N PRO B 207 -16.30 -21.16 0.73
CA PRO B 207 -17.04 -21.85 -0.33
C PRO B 207 -17.55 -20.96 -1.48
N TRP B 208 -18.43 -20.02 -1.17
CA TRP B 208 -19.23 -19.32 -2.18
C TRP B 208 -18.47 -18.52 -3.22
N LEU B 209 -17.66 -17.57 -2.77
CA LEU B 209 -16.95 -16.64 -3.65
C LEU B 209 -15.82 -17.36 -4.40
N PRO B 210 -15.74 -17.20 -5.74
CA PRO B 210 -14.86 -17.96 -6.63
C PRO B 210 -13.38 -17.74 -6.33
N ARG B 211 -12.67 -18.85 -6.07
CA ARG B 211 -11.23 -18.92 -5.82
C ARG B 211 -10.38 -17.77 -6.39
N SER B 212 -10.71 -17.33 -7.61
CA SER B 212 -9.96 -16.29 -8.31
C SER B 212 -10.33 -14.84 -7.91
N LEU B 214 -10.76 -13.96 -4.45
CA LEU B 214 -10.00 -13.70 -3.25
C LEU B 214 -8.58 -13.28 -3.67
N GLU B 215 -8.06 -13.93 -4.71
CA GLU B 215 -6.73 -13.63 -5.21
C GLU B 215 -6.52 -12.15 -5.43
N GLU B 216 -7.40 -11.55 -6.24
CA GLU B 216 -7.36 -10.11 -6.49
C GLU B 216 -8.02 -9.32 -5.36
N ASN B 217 -7.98 -9.86 -4.16
CA ASN B 217 -8.55 -9.16 -3.02
C ASN B 217 -7.61 -9.18 -1.83
N GLY B 218 -6.40 -9.69 -2.07
CA GLY B 218 -5.29 -9.66 -1.12
C GLY B 218 -4.95 -10.97 -0.45
N VAL B 219 -5.94 -11.83 -0.33
CA VAL B 219 -5.81 -13.04 0.49
C VAL B 219 -5.45 -14.31 -0.32
N GLU B 220 -5.05 -15.36 0.37
CA GLU B 220 -4.69 -16.64 -0.26
C GLU B 220 -5.77 -17.73 -0.01
N PRO B 221 -6.44 -18.21 -1.07
CA PRO B 221 -7.42 -19.30 -0.97
C PRO B 221 -6.82 -20.56 -0.35
N ALA B 222 -7.58 -21.24 0.51
CA ALA B 222 -7.05 -22.43 1.23
C ALA B 222 -8.13 -23.32 1.88
N SER B 223 -7.89 -24.63 1.82
CA SER B 223 -8.76 -25.59 2.50
C SER B 223 -8.87 -25.29 3.99
N LEU B 224 -10.06 -25.55 4.53
CA LEU B 224 -10.39 -25.35 5.92
C LEU B 224 -9.40 -26.06 6.83
N GLU B 225 -8.75 -27.09 6.31
CA GLU B 225 -7.70 -27.79 7.04
C GLU B 225 -6.54 -26.83 7.34
N ASP B 226 -5.94 -26.26 6.30
CA ASP B 226 -4.81 -25.33 6.50
C ASP B 226 -5.25 -24.19 7.41
N VAL B 227 -6.33 -23.52 7.00
CA VAL B 227 -6.86 -22.40 7.73
C VAL B 227 -6.89 -22.69 9.23
N LEU B 228 -7.11 -23.96 9.58
CA LEU B 228 -7.06 -24.35 10.98
C LEU B 228 -5.68 -24.85 11.41
N THR B 229 -5.04 -25.66 10.56
CA THR B 229 -3.85 -26.39 11.01
C THR B 229 -2.60 -25.55 10.91
N LYS B 230 -2.66 -24.52 10.09
CA LYS B 230 -1.48 -23.73 9.77
C LYS B 230 -1.72 -22.23 9.92
N SER B 231 -2.42 -21.87 10.98
CA SER B 231 -2.60 -20.46 11.32
C SER B 231 -2.30 -20.25 12.79
N ASP B 232 -1.59 -19.18 13.10
CA ASP B 232 -1.32 -18.77 14.47
C ASP B 232 -2.52 -18.01 14.98
N PHE B 233 -3.22 -17.35 14.06
CA PHE B 233 -4.39 -16.54 14.36
C PHE B 233 -5.52 -16.92 13.44
N ILE B 234 -6.62 -17.40 14.02
CA ILE B 234 -7.78 -17.72 13.20
C ILE B 234 -9.04 -16.88 13.50
N PHE B 235 -9.52 -16.17 12.48
CA PHE B 235 -10.71 -15.34 12.59
C PHE B 235 -11.94 -15.97 11.93
N VAL B 236 -13.07 -15.97 12.63
CA VAL B 236 -14.33 -16.43 12.03
C VAL B 236 -15.33 -15.29 11.79
N VAL B 237 -15.84 -15.17 10.56
CA VAL B 237 -16.54 -13.92 10.15
C VAL B 237 -17.95 -14.06 9.56
N PHE B 247 -22.52 -26.80 13.74
CA PHE B 247 -21.59 -27.06 12.64
C PHE B 247 -20.21 -27.38 13.24
N LEU B 248 -19.15 -26.65 12.86
CA LEU B 248 -17.73 -26.89 13.31
C LEU B 248 -17.41 -26.90 14.82
N GLY B 249 -16.30 -27.55 15.20
CA GLY B 249 -15.79 -27.54 16.58
C GLY B 249 -15.04 -28.82 16.96
N ALA B 250 -14.77 -28.98 18.26
CA ALA B 250 -14.20 -30.21 18.84
C ALA B 250 -12.85 -30.75 18.27
N GLU B 251 -12.92 -31.56 17.21
CA GLU B 251 -11.70 -32.15 16.62
C GLU B 251 -10.88 -31.02 16.02
N ALA B 252 -11.59 -30.05 15.44
CA ALA B 252 -11.03 -28.86 14.84
C ALA B 252 -10.13 -28.15 15.85
N PHE B 253 -10.67 -27.89 17.05
CA PHE B 253 -9.88 -27.24 18.08
C PHE B 253 -8.60 -27.97 18.43
N SER B 254 -8.55 -29.27 18.14
CA SER B 254 -7.37 -30.03 18.48
C SER B 254 -6.37 -30.01 17.33
N SER B 255 -6.85 -29.65 16.15
CA SER B 255 -6.04 -29.61 14.93
C SER B 255 -5.32 -28.27 14.76
N ARG B 257 -2.91 -24.97 16.10
CA ARG B 257 -1.51 -24.93 16.45
C ARG B 257 -1.20 -24.86 17.94
N ARG B 258 0.03 -25.23 18.25
CA ARG B 258 0.64 -25.15 19.57
C ARG B 258 -0.17 -24.27 20.55
N GLY B 259 -0.07 -22.95 20.44
CA GLY B 259 -0.78 -22.03 21.33
C GLY B 259 -1.45 -20.89 20.59
N ALA B 260 -2.24 -21.28 19.58
CA ALA B 260 -2.80 -20.36 18.59
C ALA B 260 -4.04 -19.63 19.10
N ALA B 261 -4.42 -18.55 18.42
CA ALA B 261 -5.56 -17.74 18.86
C ALA B 261 -6.84 -17.86 18.03
N PHE B 262 -7.93 -18.20 18.71
CA PHE B 262 -9.23 -18.24 18.08
C PHE B 262 -9.94 -16.92 18.43
N ILE B 263 -10.42 -16.21 17.41
CA ILE B 263 -11.14 -14.94 17.59
C ILE B 263 -12.45 -15.04 16.83
N LEU B 264 -13.55 -15.05 17.59
CA LEU B 264 -14.85 -15.34 17.02
C LEU B 264 -15.75 -14.10 16.93
N LEU B 265 -16.16 -13.73 15.71
CA LEU B 265 -16.83 -12.44 15.54
C LEU B 265 -18.26 -12.45 14.97
N SER B 266 -18.72 -13.54 14.38
CA SER B 266 -20.11 -13.60 13.97
C SER B 266 -20.62 -15.02 13.98
N ARG B 267 -21.94 -15.16 14.04
CA ARG B 267 -22.66 -16.43 13.89
C ARG B 267 -22.18 -17.49 14.92
N ALA B 268 -22.66 -17.36 16.17
CA ALA B 268 -22.31 -18.29 17.26
C ALA B 268 -22.69 -19.77 17.01
N ASP B 269 -23.75 -19.98 16.21
CA ASP B 269 -24.26 -21.31 15.87
C ASP B 269 -23.24 -22.29 15.26
N VAL B 270 -22.04 -21.82 14.99
CA VAL B 270 -21.12 -22.61 14.19
C VAL B 270 -20.08 -23.33 15.05
N VAL B 271 -19.98 -22.93 16.30
CA VAL B 271 -18.96 -23.48 17.17
C VAL B 271 -19.62 -24.26 18.29
N ASP B 272 -19.13 -25.47 18.55
CA ASP B 272 -19.57 -26.18 19.73
C ASP B 272 -18.88 -25.49 20.87
N PHE B 273 -19.68 -24.82 21.70
CA PHE B 273 -19.13 -23.84 22.59
C PHE B 273 -18.36 -24.43 23.76
N ASP B 274 -18.78 -25.62 24.16
CA ASP B 274 -18.10 -26.34 25.23
C ASP B 274 -16.80 -26.93 24.71
N ALA B 275 -16.79 -27.32 23.44
CA ALA B 275 -15.62 -27.91 22.82
C ALA B 275 -14.52 -26.87 22.78
N LEU B 276 -14.91 -25.63 22.46
CA LEU B 276 -14.01 -24.49 22.48
C LEU B 276 -13.50 -24.22 23.89
N ALA B 278 -13.20 -26.11 26.53
CA ALA B 278 -12.28 -27.07 27.11
C ALA B 278 -10.96 -26.94 26.37
N ALA B 279 -11.07 -26.83 25.04
CA ALA B 279 -9.90 -26.56 24.21
C ALA B 279 -9.15 -25.34 24.74
N VAL B 280 -9.89 -24.39 25.31
CA VAL B 280 -9.29 -23.24 26.00
C VAL B 280 -8.77 -23.65 27.36
N SER B 281 -9.59 -24.39 28.12
CA SER B 281 -9.20 -24.81 29.47
C SER B 281 -7.97 -25.73 29.48
N SER B 282 -7.93 -26.68 28.55
CA SER B 282 -6.72 -27.51 28.38
C SER B 282 -5.47 -26.66 28.35
N GLY B 283 -5.53 -25.53 27.63
CA GLY B 283 -4.40 -24.62 27.46
C GLY B 283 -3.89 -24.68 26.04
N HIS B 284 -4.38 -25.65 25.30
CA HIS B 284 -4.08 -25.87 23.90
C HIS B 284 -4.31 -24.65 23.03
N ILE B 285 -5.29 -23.81 23.42
CA ILE B 285 -5.51 -22.52 22.75
C ILE B 285 -5.95 -21.37 23.68
N VAL B 286 -6.04 -20.20 23.07
CA VAL B 286 -6.32 -18.93 23.70
C VAL B 286 -7.41 -18.35 22.78
N ALA B 287 -8.39 -17.65 23.36
CA ALA B 287 -9.55 -17.19 22.58
C ALA B 287 -10.34 -15.96 23.05
N ALA B 288 -11.14 -15.47 22.11
CA ALA B 288 -11.90 -14.26 22.32
C ALA B 288 -13.13 -14.33 21.46
N SER B 289 -14.27 -13.92 22.01
CA SER B 289 -15.55 -13.90 21.29
C SER B 289 -16.35 -12.63 21.55
N ASP B 290 -17.11 -12.22 20.55
CA ASP B 290 -18.09 -11.13 20.68
C ASP B 290 -19.51 -11.68 20.50
N VAL B 291 -19.62 -12.98 20.31
CA VAL B 291 -20.92 -13.62 20.08
C VAL B 291 -21.07 -14.80 21.02
N TYR B 292 -22.29 -15.01 21.48
CA TYR B 292 -22.56 -16.03 22.47
C TYR B 292 -23.85 -16.75 22.10
N PRO B 293 -24.00 -18.03 22.54
CA PRO B 293 -25.23 -18.77 22.22
C PRO B 293 -26.50 -18.15 22.86
N GLU B 294 -26.54 -18.03 24.18
CA GLU B 294 -27.64 -17.30 24.80
C GLU B 294 -27.25 -15.82 24.84
N GLU B 295 -28.05 -14.95 24.23
CA GLU B 295 -27.78 -13.51 24.25
C GLU B 295 -28.97 -12.66 24.69
N PRO B 296 -28.85 -11.90 25.81
CA PRO B 296 -27.78 -11.82 26.82
C PRO B 296 -27.41 -13.16 27.42
N LEU B 297 -26.32 -13.20 28.19
CA LEU B 297 -25.85 -14.48 28.72
C LEU B 297 -26.24 -14.70 30.17
N PRO B 298 -26.56 -15.95 30.53
CA PRO B 298 -26.70 -16.40 31.92
C PRO B 298 -25.58 -15.88 32.81
N LEU B 299 -25.96 -15.36 33.98
CA LEU B 299 -25.00 -14.88 34.98
C LEU B 299 -24.19 -16.02 35.64
N ASP B 300 -24.68 -17.26 35.49
CA ASP B 300 -24.01 -18.45 36.04
C ASP B 300 -22.92 -19.00 35.10
N HIS B 301 -23.14 -18.82 33.79
CA HIS B 301 -22.27 -19.38 32.72
C HIS B 301 -20.79 -19.32 33.03
N PRO B 302 -20.07 -20.45 32.86
CA PRO B 302 -18.72 -20.48 33.44
C PRO B 302 -17.65 -19.80 32.59
N VAL B 303 -17.97 -19.43 31.34
CA VAL B 303 -17.01 -18.72 30.48
C VAL B 303 -16.43 -17.52 31.21
N ARG B 304 -17.24 -16.87 32.04
CA ARG B 304 -16.82 -15.65 32.75
C ARG B 304 -15.79 -15.98 33.82
N SER B 305 -15.61 -17.27 34.09
CA SER B 305 -14.61 -17.73 35.03
C SER B 305 -13.34 -18.19 34.29
N LEU B 306 -13.44 -18.27 32.97
CA LEU B 306 -12.49 -18.98 32.14
C LEU B 306 -11.19 -18.23 31.73
N LYS B 307 -10.09 -18.53 32.41
CA LYS B 307 -8.73 -18.12 31.98
C LYS B 307 -8.51 -18.43 30.49
N GLY B 308 -7.92 -17.50 29.76
CA GLY B 308 -7.52 -17.75 28.37
C GLY B 308 -8.59 -17.34 27.40
N PHE B 309 -9.57 -16.58 27.88
CA PHE B 309 -10.71 -16.12 27.10
C PHE B 309 -10.91 -14.63 27.34
N ILE B 310 -11.44 -13.96 26.33
CA ILE B 310 -11.70 -12.52 26.39
C ILE B 310 -13.12 -12.32 25.89
N ARG B 311 -13.93 -11.64 26.71
CA ARG B 311 -15.35 -11.53 26.40
C ARG B 311 -15.81 -10.16 25.88
N SER B 312 -16.81 -10.16 25.01
CA SER B 312 -17.43 -8.92 24.57
C SER B 312 -18.94 -9.12 24.41
N ALA B 313 -19.73 -8.23 25.02
CA ALA B 313 -21.18 -8.30 24.93
C ALA B 313 -21.67 -7.83 23.57
N HIS B 314 -21.46 -8.62 22.52
CA HIS B 314 -21.92 -8.27 21.16
C HIS B 314 -21.78 -6.78 20.85
N ARG B 315 -20.58 -6.24 21.11
CA ARG B 315 -20.31 -4.81 20.93
C ARG B 315 -19.39 -4.47 19.75
N ALA B 316 -19.09 -5.47 18.91
CA ALA B 316 -18.23 -5.28 17.73
C ALA B 316 -18.74 -4.29 16.67
N GLY B 317 -20.03 -4.37 16.34
CA GLY B 317 -20.59 -3.51 15.29
C GLY B 317 -21.49 -2.35 15.71
N ALA B 318 -21.99 -2.41 16.94
CA ALA B 318 -23.01 -1.46 17.44
C ALA B 318 -22.43 -0.08 17.75
N LEU B 319 -22.05 0.65 16.71
CA LEU B 319 -21.44 1.97 16.88
C LEU B 319 -22.22 3.07 16.23
N ASP B 320 -22.36 4.17 16.95
CA ASP B 320 -23.11 5.27 16.40
C ASP B 320 -22.68 5.70 14.99
N SER B 321 -21.37 5.74 14.74
CA SER B 321 -20.87 6.06 13.39
C SER B 321 -21.36 5.05 12.36
N ALA B 322 -21.57 3.82 12.83
CA ALA B 322 -22.02 2.75 11.95
C ALA B 322 -23.47 3.01 11.58
N PHE B 323 -24.27 3.26 12.62
CA PHE B 323 -25.68 3.59 12.44
C PHE B 323 -25.90 4.76 11.52
N LYS B 324 -25.23 5.88 11.78
CA LYS B 324 -25.41 7.07 10.93
C LYS B 324 -25.13 6.79 9.43
N LYS B 325 -24.30 5.79 9.14
CA LYS B 325 -23.96 5.50 7.76
C LYS B 325 -25.16 4.97 7.02
N GLY B 327 -28.16 5.54 7.15
CA GLY B 327 -28.87 6.69 6.63
C GLY B 327 -28.36 7.11 5.28
N ASP B 328 -27.10 7.56 5.25
CA ASP B 328 -26.52 8.15 4.03
C ASP B 328 -26.44 7.13 2.92
N VAL B 330 -28.58 4.86 2.60
CA VAL B 330 -29.95 4.80 2.13
C VAL B 330 -30.24 5.91 1.11
N LEU B 331 -30.05 7.17 1.52
CA LEU B 331 -30.26 8.34 0.63
C LEU B 331 -29.62 8.13 -0.73
N GLU B 332 -28.33 7.84 -0.71
CA GLU B 332 -27.58 7.58 -1.94
C GLU B 332 -28.33 6.60 -2.83
N ASP B 333 -28.82 5.51 -2.24
CA ASP B 333 -29.56 4.52 -2.99
C ASP B 333 -30.90 5.03 -3.49
N ASP B 335 -31.80 8.34 -4.02
CA ASP B 335 -31.48 9.29 -5.08
C ASP B 335 -31.12 8.61 -6.41
N LEU B 336 -30.50 7.44 -6.31
CA LEU B 336 -29.96 6.73 -7.46
C LEU B 336 -31.07 6.09 -8.25
N ASP B 338 -34.10 6.92 -8.16
CA ASP B 338 -34.94 7.98 -8.70
C ASP B 338 -34.73 8.22 -10.18
N ARG B 339 -33.47 8.41 -10.57
CA ARG B 339 -33.08 8.40 -11.99
C ARG B 339 -33.56 7.12 -12.67
N GLY B 340 -33.72 6.06 -11.89
CA GLY B 340 -34.13 4.79 -12.42
C GLY B 340 -32.89 3.99 -12.57
N LEU B 341 -31.99 4.13 -11.60
CA LEU B 341 -30.72 3.43 -11.66
C LEU B 341 -30.66 2.28 -10.67
N PRO B 342 -30.48 1.05 -11.20
CA PRO B 342 -30.24 -0.17 -10.40
C PRO B 342 -29.17 0.10 -9.35
N PRO B 343 -29.57 0.27 -8.06
CA PRO B 343 -28.68 0.81 -7.03
C PRO B 343 -27.41 -0.03 -6.83
N ARG B 345 -25.03 0.84 -4.31
CA ARG B 345 -24.57 1.11 -2.96
C ARG B 345 -24.78 -0.07 -2.01
N CYS B 346 -25.99 -0.16 -1.42
CA CYS B 346 -26.34 -1.22 -0.47
C CYS B 346 -26.23 -2.63 -1.06
N LYS B 347 -26.35 -3.65 -0.21
CA LYS B 347 -26.25 -5.04 -0.66
C LYS B 347 -27.59 -5.53 -1.23
N ARG B 348 -27.52 -6.41 -2.23
CA ARG B 348 -28.73 -7.01 -2.81
C ARG B 348 -28.92 -8.48 -2.39
N ALA B 349 -29.97 -9.13 -2.89
CA ALA B 349 -30.31 -10.50 -2.48
C ALA B 349 -30.85 -11.44 -3.58
N GLU B 350 -29.95 -12.16 -4.27
CA GLU B 350 -30.34 -12.93 -5.47
C GLU B 350 -30.88 -14.34 -5.18
N ARG B 351 -30.01 -15.36 -5.29
CA ARG B 351 -30.37 -16.77 -5.09
C ARG B 351 -30.28 -17.21 -3.63
N GLU B 352 -30.13 -16.22 -2.73
CA GLU B 352 -30.12 -16.44 -1.28
C GLU B 352 -31.55 -16.39 -0.72
N THR B 353 -32.50 -16.84 -1.54
CA THR B 353 -33.90 -17.05 -1.17
C THR B 353 -34.11 -18.52 -0.74
N VAL B 354 -33.36 -19.44 -1.36
CA VAL B 354 -33.34 -20.87 -1.02
C VAL B 354 -33.35 -21.14 0.50
N SER B 355 -32.53 -20.41 1.25
CA SER B 355 -32.32 -20.65 2.68
C SER B 355 -33.48 -20.18 3.59
N PRO C 29 -23.46 -32.92 -17.99
CA PRO C 29 -23.90 -31.52 -17.79
C PRO C 29 -24.01 -30.74 -19.13
N LEU C 30 -25.10 -29.97 -19.30
CA LEU C 30 -25.47 -29.32 -20.60
C LEU C 30 -25.33 -27.79 -20.68
N ALA C 31 -24.65 -27.31 -21.73
CA ALA C 31 -24.58 -25.88 -22.03
C ALA C 31 -24.56 -25.60 -23.53
N ILE C 32 -25.03 -24.42 -23.88
CA ILE C 32 -25.12 -24.04 -25.28
C ILE C 32 -24.06 -23.00 -25.60
N SER C 33 -23.31 -23.29 -26.68
CA SER C 33 -22.16 -22.53 -27.14
C SER C 33 -22.36 -21.83 -28.52
N ALA C 34 -22.98 -20.66 -28.51
CA ALA C 34 -23.05 -19.77 -29.67
C ALA C 34 -22.03 -18.61 -29.52
N PRO C 35 -20.71 -18.94 -29.57
CA PRO C 35 -19.66 -17.96 -29.26
C PRO C 35 -19.61 -16.78 -30.24
N GLU C 36 -19.63 -17.06 -31.55
CA GLU C 36 -19.38 -16.04 -32.60
C GLU C 36 -20.09 -14.69 -32.39
N PRO C 37 -19.34 -13.56 -32.49
CA PRO C 37 -17.94 -13.30 -32.92
C PRO C 37 -16.77 -14.09 -32.27
N ARG C 38 -16.87 -14.46 -30.99
CA ARG C 38 -15.75 -15.11 -30.30
C ARG C 38 -15.66 -16.60 -30.59
N SER C 39 -14.46 -17.15 -30.58
CA SER C 39 -14.27 -18.59 -30.73
C SER C 39 -14.36 -19.31 -29.37
N LEU C 40 -14.00 -20.60 -29.38
CA LEU C 40 -13.81 -21.40 -28.17
C LEU C 40 -12.34 -21.80 -28.18
N ASP C 41 -11.78 -21.78 -29.37
CA ASP C 41 -10.36 -22.03 -29.57
C ASP C 41 -9.53 -20.93 -28.93
N LEU C 42 -10.15 -19.79 -28.72
CA LEU C 42 -9.42 -18.55 -28.50
C LEU C 42 -9.84 -17.78 -27.25
N ILE C 43 -10.83 -18.30 -26.53
CA ILE C 43 -11.23 -17.70 -25.25
C ILE C 43 -11.05 -18.66 -24.04
N PHE C 44 -10.21 -19.68 -24.24
CA PHE C 44 -9.90 -20.73 -23.27
C PHE C 44 -8.47 -21.13 -23.54
N SER C 45 -7.69 -21.36 -22.49
CA SER C 45 -6.37 -21.95 -22.71
C SER C 45 -6.56 -23.46 -22.76
N ASP C 46 -5.45 -24.19 -22.77
CA ASP C 46 -5.51 -25.64 -22.85
C ASP C 46 -6.22 -26.18 -21.63
N GLU C 47 -5.62 -25.94 -20.47
CA GLU C 47 -6.18 -26.32 -19.18
C GLU C 47 -7.64 -25.87 -19.09
N ALA C 48 -7.97 -24.80 -19.81
CA ALA C 48 -9.29 -24.19 -19.76
C ALA C 48 -10.38 -24.85 -20.61
N ARG C 49 -10.10 -25.24 -21.86
CA ARG C 49 -11.03 -26.12 -22.60
C ARG C 49 -10.98 -27.56 -22.05
N ALA C 50 -9.76 -28.06 -21.88
CA ALA C 50 -9.52 -29.32 -21.17
C ALA C 50 -10.53 -29.54 -20.05
N ALA C 51 -10.75 -28.51 -19.24
CA ALA C 51 -11.67 -28.58 -18.11
C ALA C 51 -13.13 -28.39 -18.50
N LEU C 52 -13.41 -27.51 -19.47
CA LEU C 52 -14.81 -27.27 -19.91
C LEU C 52 -15.44 -28.51 -20.56
N HIS C 53 -14.65 -29.30 -21.27
CA HIS C 53 -15.10 -30.62 -21.76
C HIS C 53 -15.40 -31.50 -20.59
N SER C 54 -14.34 -31.91 -19.89
CA SER C 54 -14.43 -32.80 -18.73
C SER C 54 -15.02 -32.12 -17.49
N LYS C 55 -16.25 -31.61 -17.62
CA LYS C 55 -17.04 -31.13 -16.47
C LYS C 55 -18.38 -30.66 -17.00
N TYR C 56 -18.49 -30.59 -18.33
CA TYR C 56 -19.70 -30.17 -19.03
C TYR C 56 -19.73 -30.87 -20.39
N GLU C 57 -20.53 -30.33 -21.31
CA GLU C 57 -20.42 -30.66 -22.73
C GLU C 57 -21.28 -29.72 -23.59
N ILE C 58 -20.90 -29.57 -24.84
CA ILE C 58 -21.32 -28.39 -25.59
C ILE C 58 -21.58 -28.51 -27.10
N VAL C 59 -22.13 -27.42 -27.63
CA VAL C 59 -22.74 -27.34 -28.96
C VAL C 59 -21.90 -26.50 -29.97
N GLU C 60 -22.26 -26.59 -31.26
CA GLU C 60 -21.60 -25.79 -32.32
C GLU C 60 -22.64 -24.91 -33.06
N ALA C 61 -23.48 -24.22 -32.28
CA ALA C 61 -24.78 -23.68 -32.72
C ALA C 61 -24.80 -22.51 -33.70
N ASP C 62 -25.87 -21.73 -33.57
CA ASP C 62 -26.21 -20.67 -34.48
C ASP C 62 -27.21 -19.81 -33.70
N PRO C 63 -26.77 -18.61 -33.21
CA PRO C 63 -27.63 -17.76 -32.36
C PRO C 63 -29.03 -17.46 -32.93
N GLU C 64 -29.32 -18.06 -34.09
CA GLU C 64 -30.64 -17.97 -34.77
C GLU C 64 -31.28 -19.35 -34.95
N ASP C 72 -34.20 -33.29 -25.98
CA ASP C 72 -32.75 -33.27 -26.10
C ASP C 72 -32.17 -31.87 -25.80
N ILE C 73 -32.58 -30.89 -26.61
CA ILE C 73 -32.03 -29.54 -26.57
C ILE C 73 -33.02 -28.64 -25.83
N LEU C 74 -33.94 -28.04 -26.59
CA LEU C 74 -34.92 -27.05 -26.09
C LEU C 74 -35.03 -27.04 -24.56
N GLY C 75 -35.70 -28.04 -24.00
CA GLY C 75 -36.02 -28.08 -22.58
C GLY C 75 -34.88 -28.00 -21.58
N ARG C 76 -34.06 -29.03 -21.54
CA ARG C 76 -33.15 -29.27 -20.41
C ARG C 76 -31.95 -28.32 -20.23
N ALA C 77 -31.75 -27.42 -21.18
CA ALA C 77 -30.54 -26.56 -21.25
C ALA C 77 -30.32 -25.61 -20.06
N ARG C 78 -29.25 -25.84 -19.30
CA ARG C 78 -28.95 -25.07 -18.08
C ARG C 78 -28.27 -23.71 -18.32
N TYR C 79 -27.30 -23.67 -19.23
CA TYR C 79 -26.52 -22.44 -19.50
C TYR C 79 -26.63 -21.93 -20.94
N ILE C 80 -25.85 -20.88 -21.25
CA ILE C 80 -25.72 -20.37 -22.63
C ILE C 80 -24.54 -19.39 -22.82
N ILE C 81 -23.49 -19.85 -23.54
CA ILE C 81 -22.34 -19.01 -23.91
C ILE C 81 -22.53 -18.33 -25.28
N GLY C 82 -23.28 -17.23 -25.33
CA GLY C 82 -23.49 -16.55 -26.60
C GLY C 82 -24.14 -15.18 -26.58
N GLN C 83 -24.50 -14.72 -27.78
CA GLN C 83 -25.11 -13.41 -27.96
C GLN C 83 -26.31 -13.46 -28.92
N PRO C 84 -27.29 -14.36 -28.63
CA PRO C 84 -28.38 -14.52 -29.58
C PRO C 84 -29.52 -13.51 -29.40
N PRO C 85 -30.26 -13.23 -30.48
CA PRO C 85 -31.55 -12.59 -30.25
C PRO C 85 -32.60 -13.59 -29.72
N LEU C 86 -32.35 -14.89 -29.93
CA LEU C 86 -33.22 -15.98 -29.40
C LEU C 86 -33.79 -15.62 -28.01
N SER C 87 -35.11 -15.47 -27.84
CA SER C 87 -36.19 -15.59 -28.86
C SER C 87 -37.48 -16.14 -28.20
N ALA C 88 -38.30 -15.22 -27.65
CA ALA C 88 -39.48 -15.51 -26.79
C ALA C 88 -40.17 -16.89 -26.89
N GLU C 89 -40.37 -17.39 -28.12
CA GLU C 89 -41.00 -18.70 -28.34
C GLU C 89 -40.04 -19.83 -28.09
N THR C 90 -38.93 -19.83 -28.84
CA THR C 90 -37.83 -20.77 -28.61
C THR C 90 -37.43 -20.80 -27.11
N LEU C 91 -37.72 -19.72 -26.37
CA LEU C 91 -37.42 -19.62 -24.93
C LEU C 91 -38.28 -20.52 -24.04
N ALA C 92 -39.60 -20.38 -24.14
CA ALA C 92 -40.52 -21.23 -23.39
C ALA C 92 -40.20 -22.72 -23.63
N ARG C 93 -39.65 -23.00 -24.81
CA ARG C 93 -39.20 -24.33 -25.21
C ARG C 93 -38.01 -24.82 -24.39
N PRO C 95 -37.20 -24.67 -20.78
CA PRO C 95 -37.62 -24.29 -19.43
C PRO C 95 -36.62 -24.59 -18.31
N ALA C 96 -35.59 -25.38 -18.58
CA ALA C 96 -34.60 -25.71 -17.54
C ALA C 96 -33.33 -24.84 -17.59
N LEU C 97 -33.49 -23.58 -18.01
CA LEU C 97 -32.37 -22.64 -18.17
C LEU C 97 -32.00 -21.89 -16.89
N ARG C 98 -30.71 -21.60 -16.74
CA ARG C 98 -30.22 -20.84 -15.59
C ARG C 98 -29.67 -19.45 -15.96
N SER C 99 -28.66 -19.39 -16.82
CA SER C 99 -27.89 -18.15 -17.02
C SER C 99 -27.44 -17.81 -18.44
N ILE C 100 -27.37 -16.51 -18.71
CA ILE C 100 -26.89 -15.96 -19.99
C ILE C 100 -25.46 -15.38 -19.91
N LEU C 101 -24.58 -15.89 -20.78
CA LEU C 101 -23.16 -15.51 -20.79
C LEU C 101 -22.69 -14.85 -22.09
N ASN C 102 -23.00 -13.56 -22.20
CA ASN C 102 -22.51 -12.69 -23.26
C ASN C 102 -20.97 -12.66 -23.30
N VAL C 103 -20.37 -13.40 -24.24
CA VAL C 103 -18.91 -13.41 -24.43
C VAL C 103 -18.42 -12.44 -25.53
N GLU C 104 -19.15 -11.36 -25.71
CA GLU C 104 -18.79 -10.32 -26.67
C GLU C 104 -19.18 -9.01 -26.01
N SER C 105 -18.50 -8.71 -24.92
CA SER C 105 -18.78 -7.54 -24.10
C SER C 105 -20.23 -7.05 -24.21
N ASN C 106 -20.51 -6.25 -25.25
CA ASN C 106 -21.84 -5.63 -25.42
C ASN C 106 -23.02 -6.58 -25.52
N LEU C 107 -24.15 -6.16 -24.98
CA LEU C 107 -25.39 -6.94 -25.05
C LEU C 107 -26.01 -6.91 -26.45
N LEU C 108 -25.82 -8.01 -27.19
CA LEU C 108 -26.47 -8.19 -28.51
C LEU C 108 -27.98 -8.48 -28.39
N ASN C 109 -28.72 -7.39 -28.23
CA ASN C 109 -30.17 -7.39 -28.20
C ASN C 109 -30.77 -7.95 -29.52
N ASN C 110 -32.03 -8.38 -29.50
CA ASN C 110 -32.83 -8.41 -28.29
C ASN C 110 -33.13 -9.79 -27.78
N PRO C 112 -35.72 -11.86 -25.01
CA PRO C 112 -37.05 -11.60 -24.47
C PRO C 112 -36.93 -10.85 -23.15
N TYR C 113 -36.71 -9.53 -23.28
CA TYR C 113 -36.21 -8.63 -22.25
C TYR C 113 -36.80 -8.88 -20.86
N GLU C 114 -38.11 -8.85 -20.76
CA GLU C 114 -38.80 -8.94 -19.48
C GLU C 114 -39.09 -10.38 -19.01
N VAL C 115 -39.26 -11.31 -19.95
CA VAL C 115 -39.54 -12.72 -19.60
C VAL C 115 -38.25 -13.44 -19.25
N LEU C 116 -37.26 -12.65 -18.85
CA LEU C 116 -36.03 -13.18 -18.30
C LEU C 116 -35.89 -12.80 -16.84
N PHE C 117 -36.20 -11.54 -16.50
CA PHE C 117 -36.17 -11.09 -15.09
C PHE C 117 -37.43 -11.51 -14.30
N GLN C 118 -38.59 -11.47 -14.97
CA GLN C 118 -39.85 -12.02 -14.41
C GLN C 118 -39.80 -13.55 -14.30
N ARG C 119 -39.23 -14.19 -15.33
CA ARG C 119 -39.02 -15.64 -15.34
C ARG C 119 -37.93 -16.09 -14.35
N GLY C 120 -36.78 -15.42 -14.35
CA GLY C 120 -35.71 -15.73 -13.39
C GLY C 120 -34.26 -15.77 -13.90
N ILE C 121 -34.07 -16.25 -15.13
CA ILE C 121 -32.75 -16.51 -15.75
C ILE C 121 -31.72 -15.37 -15.62
N HIS C 122 -30.42 -15.70 -15.59
CA HIS C 122 -29.34 -14.71 -15.30
C HIS C 122 -28.55 -14.09 -16.44
N VAL C 123 -28.43 -12.76 -16.39
CA VAL C 123 -27.79 -11.96 -17.46
C VAL C 123 -26.48 -11.26 -17.01
N VAL C 124 -25.31 -11.88 -17.27
CA VAL C 124 -24.01 -11.21 -17.02
C VAL C 124 -22.95 -11.29 -18.11
N THR C 125 -22.03 -10.32 -18.04
CA THR C 125 -21.02 -10.06 -19.07
C THR C 125 -19.62 -10.52 -18.65
N THR C 126 -18.74 -10.61 -19.64
CA THR C 126 -17.31 -10.82 -19.44
C THR C 126 -16.49 -9.53 -19.61
N GLY C 127 -17.17 -8.40 -19.85
CA GLY C 127 -16.56 -7.15 -20.31
C GLY C 127 -15.41 -6.59 -19.48
N GLN C 128 -15.32 -7.05 -18.24
CA GLN C 128 -14.34 -6.58 -17.28
C GLN C 128 -12.88 -6.93 -17.65
N VAL C 129 -12.70 -7.99 -18.46
CA VAL C 129 -11.35 -8.38 -18.90
C VAL C 129 -10.66 -7.28 -19.71
N PHE C 130 -11.42 -6.31 -20.18
CA PHE C 130 -10.80 -5.26 -20.98
C PHE C 130 -10.29 -4.09 -20.14
N ALA C 131 -10.79 -4.00 -18.91
CA ALA C 131 -10.38 -2.96 -17.97
C ALA C 131 -8.86 -2.86 -17.85
N GLU C 132 -8.23 -3.91 -17.31
CA GLU C 132 -6.77 -3.94 -17.16
C GLU C 132 -5.99 -3.53 -18.42
N PRO C 133 -6.23 -4.19 -19.56
CA PRO C 133 -5.50 -3.80 -20.78
C PRO C 133 -5.65 -2.31 -21.17
N VAL C 134 -6.85 -1.78 -21.08
CA VAL C 134 -7.07 -0.36 -21.40
C VAL C 134 -6.31 0.50 -20.40
N ALA C 135 -6.44 0.20 -19.10
CA ALA C 135 -5.74 0.99 -18.09
C ALA C 135 -4.23 1.05 -18.39
N GLU C 136 -3.62 -0.11 -18.60
CA GLU C 136 -2.18 -0.17 -18.70
C GLU C 136 -1.72 0.73 -19.82
N ILE C 137 -2.44 0.71 -20.94
CA ILE C 137 -1.97 1.44 -22.09
C ILE C 137 -2.30 2.91 -21.95
N GLY C 138 -3.35 3.19 -21.17
CA GLY C 138 -3.72 4.57 -20.81
C GLY C 138 -2.57 5.23 -20.09
N LEU C 139 -2.17 4.65 -18.96
CA LEU C 139 -0.94 5.08 -18.26
C LEU C 139 0.21 5.21 -19.26
N GLY C 140 0.37 4.20 -20.13
CA GLY C 140 1.33 4.25 -21.23
C GLY C 140 1.30 5.58 -21.94
N PHE C 141 0.15 5.92 -22.51
CA PHE C 141 0.01 7.19 -23.25
C PHE C 141 0.30 8.41 -22.38
N ALA C 142 -0.06 8.30 -21.09
CA ALA C 142 0.13 9.41 -20.16
C ALA C 142 1.60 9.68 -20.03
N LEU C 143 2.35 8.63 -19.71
CA LEU C 143 3.80 8.75 -19.54
C LEU C 143 4.51 9.27 -20.78
N ALA C 144 4.04 8.85 -21.94
CA ALA C 144 4.64 9.24 -23.18
C ALA C 144 4.33 10.71 -23.43
N LEU C 145 3.08 11.12 -23.19
CA LEU C 145 2.73 12.54 -23.31
C LEU C 145 3.57 13.31 -22.29
N ALA C 146 3.62 12.78 -21.06
CA ALA C 146 4.36 13.37 -19.97
C ALA C 146 5.83 13.49 -20.29
N ARG C 147 6.41 12.56 -21.03
CA ARG C 147 7.83 12.72 -21.26
C ARG C 147 8.35 12.73 -22.66
N GLY C 148 7.45 12.79 -23.64
CA GLY C 148 7.83 12.88 -25.06
C GLY C 148 8.51 11.61 -25.59
N ILE C 149 8.13 10.46 -25.05
CA ILE C 149 8.83 9.22 -25.38
C ILE C 149 8.87 8.93 -26.88
N VAL C 150 7.69 8.93 -27.53
CA VAL C 150 7.57 8.72 -29.00
C VAL C 150 8.34 9.76 -29.81
N ASP C 151 8.20 11.03 -29.46
CA ASP C 151 8.98 12.07 -30.14
C ASP C 151 10.47 11.93 -29.93
N ALA C 152 10.89 11.34 -28.82
CA ALA C 152 12.32 11.29 -28.57
C ALA C 152 12.88 10.05 -29.26
N ASP C 153 12.03 9.06 -29.51
CA ASP C 153 12.50 7.92 -30.31
C ASP C 153 12.57 8.24 -31.81
N ILE C 154 11.59 9.00 -32.29
CA ILE C 154 11.63 9.43 -33.66
C ILE C 154 12.84 10.35 -33.88
N ALA C 155 12.95 11.42 -33.10
CA ALA C 155 14.14 12.26 -33.19
C ALA C 155 15.46 11.45 -33.27
N PHE C 156 15.56 10.39 -32.47
CA PHE C 156 16.80 9.65 -32.28
C PHE C 156 17.11 8.88 -33.56
N GLN C 157 16.05 8.29 -34.11
CA GLN C 157 16.09 7.65 -35.41
C GLN C 157 16.59 8.65 -36.50
N GLU C 158 15.96 9.82 -36.58
CA GLU C 158 16.20 10.77 -37.66
C GLU C 158 17.44 11.63 -37.40
N GLY C 159 18.21 11.28 -36.38
CA GLY C 159 19.45 11.98 -36.13
C GLY C 159 19.34 13.34 -35.46
N THR C 160 18.12 13.75 -35.06
CA THR C 160 17.90 15.13 -34.56
C THR C 160 17.54 15.31 -33.06
N GLU C 161 18.03 14.41 -32.20
CA GLU C 161 17.68 14.39 -30.76
C GLU C 161 18.50 15.34 -29.95
N LEU C 162 17.82 16.07 -29.07
CA LEU C 162 18.46 16.88 -28.04
C LEU C 162 18.81 16.01 -26.82
N TRP C 163 20.04 16.15 -26.32
CA TRP C 163 20.49 15.29 -25.23
C TRP C 163 20.07 15.69 -23.84
N GLY C 164 20.48 16.87 -23.40
CA GLY C 164 20.22 17.27 -21.98
C GLY C 164 19.14 16.55 -21.15
N GLY C 165 18.38 17.30 -20.35
CA GLY C 165 18.53 18.72 -20.17
C GLY C 165 17.73 19.42 -21.23
N GLU C 166 18.43 19.79 -22.30
CA GLU C 166 17.85 20.56 -23.40
C GLU C 166 16.66 19.90 -24.09
N GLY C 167 16.48 18.60 -23.91
CA GLY C 167 15.39 17.92 -24.61
C GLY C 167 14.13 17.86 -23.79
N ASN C 168 14.19 18.45 -22.58
CA ASN C 168 13.21 18.14 -21.55
C ASN C 168 12.42 19.37 -21.09
N ALA C 169 12.44 20.45 -21.85
CA ALA C 169 11.68 21.65 -21.48
C ALA C 169 10.21 21.36 -21.10
N SER C 170 9.56 20.43 -21.77
CA SER C 170 8.16 20.20 -21.50
C SER C 170 7.92 18.95 -20.71
N ALA C 171 9.02 18.38 -20.23
CA ALA C 171 8.96 17.14 -19.51
C ALA C 171 8.45 17.39 -18.13
N ARG C 172 7.44 16.64 -17.71
CA ARG C 172 6.96 16.72 -16.37
C ARG C 172 6.69 15.30 -15.78
N LEU C 173 6.42 15.25 -14.47
CA LEU C 173 6.31 14.05 -13.66
C LEU C 173 4.84 13.76 -13.37
N ILE C 174 4.41 12.50 -13.46
CA ILE C 174 3.04 12.23 -13.03
C ILE C 174 2.89 12.27 -11.49
N ALA C 175 3.95 11.94 -10.74
CA ALA C 175 3.80 11.92 -9.28
C ALA C 175 3.38 13.30 -8.66
N GLY C 176 2.35 13.23 -7.81
CA GLY C 176 1.76 14.40 -7.15
C GLY C 176 1.22 15.42 -8.12
N SER C 177 0.28 15.05 -8.99
CA SER C 177 0.11 15.92 -10.15
C SER C 177 -1.31 16.24 -10.58
N GLU C 178 -2.29 15.77 -9.85
CA GLU C 178 -3.65 16.12 -10.22
C GLU C 178 -4.00 15.45 -11.52
N ILE C 179 -4.66 14.32 -11.41
CA ILE C 179 -5.20 13.58 -12.53
C ILE C 179 -6.69 13.66 -12.47
N GLY C 180 -7.32 13.83 -13.61
CA GLY C 180 -8.78 13.77 -13.66
C GLY C 180 -9.33 12.57 -14.42
N ILE C 181 -10.31 11.87 -13.85
CA ILE C 181 -11.02 10.88 -14.66
C ILE C 181 -12.48 11.25 -14.90
N VAL C 182 -12.95 10.96 -16.12
CA VAL C 182 -14.29 11.24 -16.61
C VAL C 182 -14.91 9.89 -16.98
N GLY C 183 -15.90 9.48 -16.18
CA GLY C 183 -16.39 8.09 -16.17
C GLY C 183 -15.62 7.37 -15.06
N PHE C 184 -16.04 6.15 -14.75
CA PHE C 184 -15.34 5.33 -13.75
C PHE C 184 -15.99 3.95 -13.67
N GLY C 185 -16.04 3.24 -14.79
CA GLY C 185 -16.65 1.92 -14.79
C GLY C 185 -15.66 0.92 -14.23
N ASP C 186 -15.79 -0.32 -14.69
CA ASP C 186 -14.76 -1.32 -14.51
C ASP C 186 -13.44 -0.64 -14.84
N LEU C 187 -13.50 0.25 -15.82
CA LEU C 187 -12.33 0.85 -16.43
C LEU C 187 -11.65 1.85 -15.52
N GLY C 188 -12.42 2.84 -15.08
CA GLY C 188 -11.93 3.79 -14.11
C GLY C 188 -11.17 3.06 -13.02
N LYS C 189 -11.73 1.96 -12.54
CA LYS C 189 -11.17 1.26 -11.40
C LYS C 189 -9.75 0.80 -11.69
N ALA C 190 -9.56 0.15 -12.85
CA ALA C 190 -8.25 -0.38 -13.24
C ALA C 190 -7.25 0.78 -13.32
N LEU C 191 -7.65 1.88 -13.96
CA LEU C 191 -6.82 3.05 -14.01
C LEU C 191 -6.36 3.45 -12.63
N ARG C 192 -7.34 3.68 -11.75
CA ARG C 192 -7.03 4.04 -10.38
C ARG C 192 -6.01 3.08 -9.73
N ARG C 193 -6.10 1.79 -10.01
CA ARG C 193 -5.17 0.84 -9.43
C ARG C 193 -3.73 0.94 -10.02
N VAL C 194 -3.60 1.05 -11.34
CA VAL C 194 -2.25 1.23 -11.91
C VAL C 194 -1.60 2.57 -11.48
N LEU C 195 -2.43 3.47 -10.97
CA LEU C 195 -2.00 4.76 -10.49
C LEU C 195 -1.53 4.77 -9.02
N SER C 196 -1.80 3.68 -8.31
CA SER C 196 -1.58 3.63 -6.86
C SER C 196 -0.27 4.24 -6.47
N GLY C 197 0.81 3.67 -6.98
CA GLY C 197 2.13 4.10 -6.64
C GLY C 197 2.57 5.48 -7.10
N PHE C 198 1.73 6.21 -7.82
CA PHE C 198 2.14 7.54 -8.23
C PHE C 198 1.95 8.68 -7.21
N ARG C 199 1.10 8.46 -6.21
CA ARG C 199 0.75 9.51 -5.23
C ARG C 199 0.24 10.78 -5.91
N ALA C 200 -0.94 10.68 -6.46
CA ALA C 200 -1.51 11.84 -7.09
C ALA C 200 -2.86 12.16 -6.49
N ARG C 201 -3.28 13.40 -6.66
CA ARG C 201 -4.64 13.79 -6.34
C ARG C 201 -5.52 13.39 -7.54
N ILE C 202 -6.39 12.40 -7.33
CA ILE C 202 -7.27 11.93 -8.40
C ILE C 202 -8.71 12.42 -8.21
N ARG C 203 -9.22 13.15 -9.20
CA ARG C 203 -10.59 13.66 -9.21
C ARG C 203 -11.41 12.89 -10.22
N VAL C 204 -12.59 12.42 -9.82
CA VAL C 204 -13.45 11.69 -10.76
C VAL C 204 -14.85 12.31 -10.93
N PHE C 205 -15.26 12.51 -12.19
CA PHE C 205 -16.62 12.92 -12.47
C PHE C 205 -17.46 11.73 -12.94
N ASP C 206 -18.45 11.39 -12.12
CA ASP C 206 -19.38 10.28 -12.42
C ASP C 206 -20.69 10.48 -11.68
N PRO C 207 -21.76 10.81 -12.43
CA PRO C 207 -23.08 11.10 -11.83
C PRO C 207 -23.80 9.85 -11.32
N TRP C 208 -23.45 8.69 -11.86
CA TRP C 208 -24.06 7.42 -11.48
C TRP C 208 -23.61 6.90 -10.15
N LEU C 209 -22.30 6.86 -9.89
CA LEU C 209 -21.80 6.33 -8.61
C LEU C 209 -21.89 7.34 -7.47
N PRO C 210 -22.49 6.92 -6.34
CA PRO C 210 -22.68 7.77 -5.15
C PRO C 210 -21.37 8.16 -4.47
N ARG C 211 -21.15 9.47 -4.32
CA ARG C 211 -19.93 10.00 -3.69
C ARG C 211 -19.18 8.93 -2.87
N SER C 212 -19.81 8.46 -1.79
CA SER C 212 -19.28 7.42 -0.89
C SER C 212 -18.49 6.23 -1.49
N LEU C 214 -16.92 6.14 -4.52
CA LEU C 214 -15.68 6.65 -5.08
C LEU C 214 -14.65 6.95 -4.00
N GLU C 215 -15.05 7.68 -2.96
CA GLU C 215 -14.10 8.14 -1.94
C GLU C 215 -13.48 7.00 -1.14
N GLU C 216 -14.26 5.96 -0.87
CA GLU C 216 -13.73 4.79 -0.23
C GLU C 216 -12.90 4.00 -1.24
N ASN C 217 -13.32 4.06 -2.51
CA ASN C 217 -12.59 3.46 -3.62
C ASN C 217 -11.32 4.25 -4.02
N GLY C 218 -10.91 5.22 -3.20
CA GLY C 218 -9.61 5.85 -3.38
C GLY C 218 -9.54 7.16 -4.15
N VAL C 219 -10.66 7.64 -4.67
CA VAL C 219 -10.62 8.88 -5.44
C VAL C 219 -11.41 10.03 -4.80
N GLU C 220 -11.08 11.25 -5.17
CA GLU C 220 -11.87 12.40 -4.75
C GLU C 220 -12.95 12.63 -5.80
N PRO C 221 -14.23 12.69 -5.39
CA PRO C 221 -15.36 12.93 -6.32
C PRO C 221 -15.52 14.43 -6.69
N ALA C 222 -15.79 14.71 -7.97
CA ALA C 222 -15.86 16.10 -8.42
C ALA C 222 -16.80 16.38 -9.59
N SER C 223 -17.13 17.66 -9.78
CA SER C 223 -17.90 18.16 -10.93
C SER C 223 -17.02 18.14 -12.16
N LEU C 224 -17.63 17.96 -13.32
CA LEU C 224 -16.88 17.90 -14.58
C LEU C 224 -15.96 19.10 -14.85
N GLU C 225 -16.43 20.31 -14.55
CA GLU C 225 -15.60 21.52 -14.66
C GLU C 225 -14.37 21.39 -13.81
N ASP C 226 -14.58 21.04 -12.55
CA ASP C 226 -13.50 20.92 -11.58
C ASP C 226 -12.48 19.85 -12.01
N VAL C 227 -12.90 18.90 -12.85
CA VAL C 227 -11.95 18.01 -13.53
C VAL C 227 -11.27 18.82 -14.63
N LEU C 228 -11.84 18.82 -15.84
CA LEU C 228 -11.28 19.58 -16.95
C LEU C 228 -10.36 20.75 -16.57
N THR C 229 -10.90 21.67 -15.76
CA THR C 229 -10.19 22.89 -15.42
C THR C 229 -9.00 22.64 -14.49
N LYS C 230 -9.11 21.65 -13.60
CA LYS C 230 -8.15 21.55 -12.50
C LYS C 230 -7.20 20.31 -12.49
N SER C 231 -7.06 19.65 -13.64
CA SER C 231 -6.26 18.43 -13.78
C SER C 231 -5.11 18.66 -14.77
N ASP C 232 -3.97 18.00 -14.52
CA ASP C 232 -2.80 18.05 -15.44
C ASP C 232 -2.80 16.88 -16.45
N PHE C 233 -3.55 15.83 -16.10
CA PHE C 233 -3.76 14.69 -16.96
C PHE C 233 -5.20 14.30 -16.82
N ILE C 234 -5.92 14.25 -17.91
CA ILE C 234 -7.33 13.84 -17.85
C ILE C 234 -7.52 12.59 -18.68
N PHE C 235 -8.13 11.58 -18.08
CA PHE C 235 -8.46 10.35 -18.79
C PHE C 235 -9.96 10.28 -19.03
N VAL C 236 -10.37 9.85 -20.24
CA VAL C 236 -11.80 9.73 -20.59
C VAL C 236 -12.21 8.27 -20.81
N VAL C 237 -13.08 7.80 -19.91
CA VAL C 237 -13.55 6.40 -19.84
C VAL C 237 -15.09 6.36 -19.71
N ALA C 238 -15.77 5.88 -20.74
CA ALA C 238 -17.25 5.93 -20.80
C ALA C 238 -17.79 7.36 -21.00
N ARG C 246 -23.23 14.24 -23.83
CA ARG C 246 -23.58 14.01 -25.21
C ARG C 246 -22.58 14.64 -26.20
N PHE C 247 -21.89 15.73 -25.80
CA PHE C 247 -20.71 16.23 -26.54
C PHE C 247 -19.67 17.07 -25.73
N LEU C 248 -18.42 16.59 -25.71
CA LEU C 248 -17.23 17.30 -25.13
C LEU C 248 -16.45 18.05 -26.20
N GLY C 249 -16.47 19.39 -26.13
CA GLY C 249 -15.95 20.21 -27.22
C GLY C 249 -15.11 21.42 -26.87
N ALA C 250 -15.00 22.33 -27.84
CA ALA C 250 -14.29 23.61 -27.71
C ALA C 250 -14.42 24.32 -26.36
N GLU C 251 -15.64 24.42 -25.84
CA GLU C 251 -15.85 24.96 -24.48
C GLU C 251 -14.83 24.33 -23.50
N ALA C 252 -14.85 23.00 -23.46
CA ALA C 252 -14.00 22.20 -22.56
C ALA C 252 -12.49 22.35 -22.77
N PHE C 253 -12.05 22.25 -24.01
CA PHE C 253 -10.63 22.23 -24.29
C PHE C 253 -9.95 23.55 -23.94
N SER C 254 -10.65 24.67 -24.12
CA SER C 254 -10.14 25.96 -23.66
C SER C 254 -10.05 26.02 -22.13
N SER C 255 -10.97 25.33 -21.45
CA SER C 255 -10.99 25.28 -20.01
C SER C 255 -9.76 24.59 -19.39
N ARG C 257 -6.11 23.34 -18.31
CA ARG C 257 -4.82 24.00 -18.09
C ARG C 257 -3.95 23.96 -19.33
N ARG C 258 -3.11 24.97 -19.48
CA ARG C 258 -2.27 25.13 -20.66
C ARG C 258 -1.28 23.97 -20.96
N GLY C 259 -0.62 23.40 -19.98
CA GLY C 259 0.22 22.23 -20.30
C GLY C 259 -0.47 20.88 -20.47
N ALA C 260 -1.78 20.82 -20.19
CA ALA C 260 -2.54 19.57 -19.98
C ALA C 260 -2.50 18.54 -21.10
N ALA C 261 -2.90 17.32 -20.72
CA ALA C 261 -2.74 16.11 -21.51
C ALA C 261 -4.08 15.41 -21.52
N PHE C 262 -4.57 15.08 -22.72
CA PHE C 262 -5.91 14.58 -22.84
C PHE C 262 -5.88 13.15 -23.39
N ILE C 263 -6.25 12.17 -22.57
CA ILE C 263 -6.22 10.79 -23.02
C ILE C 263 -7.64 10.29 -23.21
N LEU C 264 -7.89 9.78 -24.42
CA LEU C 264 -9.22 9.33 -24.82
C LEU C 264 -9.20 7.84 -25.07
N LEU C 265 -10.01 7.11 -24.32
CA LEU C 265 -9.87 5.66 -24.23
C LEU C 265 -11.07 4.87 -24.71
N SER C 266 -12.26 5.41 -24.52
CA SER C 266 -13.46 4.72 -24.96
C SER C 266 -14.35 5.72 -25.63
N ARG C 267 -15.01 5.28 -26.71
CA ARG C 267 -16.14 5.99 -27.33
C ARG C 267 -15.88 7.46 -27.74
N ALA C 268 -15.67 7.68 -29.04
CA ALA C 268 -15.45 9.01 -29.57
C ALA C 268 -16.69 9.86 -29.41
N ASP C 269 -17.84 9.24 -29.64
CA ASP C 269 -19.12 9.94 -29.84
C ASP C 269 -19.31 11.19 -29.00
N VAL C 270 -18.95 11.13 -27.73
CA VAL C 270 -19.10 12.29 -26.83
C VAL C 270 -18.00 13.35 -26.97
N VAL C 271 -17.17 13.27 -28.00
CA VAL C 271 -16.04 14.17 -28.15
C VAL C 271 -16.09 14.93 -29.48
N ASP C 272 -15.90 16.24 -29.41
CA ASP C 272 -15.82 17.07 -30.60
C ASP C 272 -14.43 16.92 -31.21
N PHE C 273 -14.24 15.80 -31.91
CA PHE C 273 -13.04 15.45 -32.69
C PHE C 273 -12.32 16.63 -33.39
N ASP C 274 -13.07 17.61 -33.89
CA ASP C 274 -12.51 18.81 -34.54
C ASP C 274 -11.89 19.73 -33.53
N ALA C 275 -12.64 20.02 -32.48
CA ALA C 275 -12.19 20.85 -31.36
C ALA C 275 -10.91 20.28 -30.71
N LEU C 276 -10.93 18.98 -30.45
CA LEU C 276 -9.76 18.26 -29.93
C LEU C 276 -8.53 18.49 -30.79
N ALA C 278 -8.07 21.02 -32.86
CA ALA C 278 -7.68 22.44 -32.85
C ALA C 278 -6.95 22.81 -31.58
N ALA C 279 -7.37 22.23 -30.46
CA ALA C 279 -6.75 22.47 -29.16
C ALA C 279 -5.29 22.06 -29.21
N VAL C 280 -5.05 20.82 -29.66
CA VAL C 280 -3.71 20.25 -29.77
C VAL C 280 -2.91 21.07 -30.74
N SER C 281 -3.54 21.39 -31.88
CA SER C 281 -2.88 22.05 -33.02
C SER C 281 -2.31 23.40 -32.68
N SER C 282 -3.01 24.09 -31.78
CA SER C 282 -2.64 25.42 -31.33
C SER C 282 -1.54 25.39 -30.27
N GLY C 283 -1.19 24.19 -29.81
CA GLY C 283 -0.23 24.04 -28.73
C GLY C 283 -0.89 24.17 -27.38
N HIS C 284 -2.23 24.26 -27.35
CA HIS C 284 -2.92 24.35 -26.04
C HIS C 284 -2.74 23.11 -25.22
N ILE C 285 -2.93 21.96 -25.84
CA ILE C 285 -2.77 20.71 -25.14
C ILE C 285 -2.10 19.67 -26.01
N VAL C 286 -1.69 18.59 -25.37
CA VAL C 286 -1.21 17.43 -26.06
C VAL C 286 -2.26 16.38 -25.76
N ALA C 287 -2.40 15.37 -26.59
CA ALA C 287 -3.50 14.38 -26.40
C ALA C 287 -3.13 13.04 -26.94
N ALA C 288 -3.99 12.05 -26.71
CA ALA C 288 -3.79 10.66 -27.18
C ALA C 288 -5.13 10.00 -27.24
N SER C 289 -5.35 9.15 -28.22
CA SER C 289 -6.67 8.51 -28.32
C SER C 289 -6.63 7.14 -28.99
N ASP C 290 -7.34 6.20 -28.40
CA ASP C 290 -7.42 4.86 -28.94
C ASP C 290 -8.64 4.71 -29.82
N VAL C 291 -9.63 5.56 -29.61
CA VAL C 291 -10.89 5.51 -30.38
C VAL C 291 -11.06 6.76 -31.24
N TYR C 292 -11.82 6.60 -32.32
CA TYR C 292 -11.96 7.64 -33.33
C TYR C 292 -13.41 7.77 -33.82
N PRO C 293 -13.81 8.98 -34.27
CA PRO C 293 -15.13 9.26 -34.81
C PRO C 293 -15.64 8.16 -35.75
N GLU C 294 -14.70 7.57 -36.47
CA GLU C 294 -14.94 6.52 -37.43
C GLU C 294 -13.74 5.56 -37.35
N GLU C 295 -14.02 4.30 -37.01
CA GLU C 295 -13.03 3.24 -37.09
C GLU C 295 -13.47 2.19 -38.12
N PRO C 296 -12.60 1.87 -39.10
CA PRO C 296 -11.31 2.49 -39.40
C PRO C 296 -11.45 3.95 -39.85
N LEU C 297 -10.35 4.68 -39.78
CA LEU C 297 -10.36 6.10 -40.11
C LEU C 297 -9.71 6.26 -41.47
N PRO C 298 -10.31 7.11 -42.32
CA PRO C 298 -9.82 7.40 -43.67
C PRO C 298 -8.32 7.65 -43.69
N LEU C 299 -7.63 7.04 -44.66
CA LEU C 299 -6.20 7.19 -44.86
C LEU C 299 -5.72 8.65 -44.97
N ASP C 300 -6.66 9.59 -45.13
CA ASP C 300 -6.35 10.98 -45.48
C ASP C 300 -6.75 11.93 -44.37
N HIS C 301 -6.93 11.36 -43.18
CA HIS C 301 -7.51 12.11 -42.08
C HIS C 301 -6.46 12.92 -41.35
N PRO C 302 -6.68 14.24 -41.26
CA PRO C 302 -5.70 15.21 -40.74
C PRO C 302 -5.05 14.92 -39.35
N VAL C 303 -5.47 13.86 -38.65
CA VAL C 303 -4.84 13.51 -37.38
C VAL C 303 -3.53 12.76 -37.61
N ARG C 304 -3.48 12.05 -38.73
CA ARG C 304 -2.32 11.24 -39.11
C ARG C 304 -1.05 12.07 -39.18
N SER C 305 -1.16 13.39 -39.13
CA SER C 305 0.03 14.24 -39.18
C SER C 305 0.00 15.38 -38.18
N LEU C 306 -0.77 15.23 -37.11
CA LEU C 306 -0.90 16.28 -36.10
C LEU C 306 0.13 16.14 -34.99
N LYS C 307 1.12 17.03 -34.99
CA LYS C 307 2.14 17.14 -33.96
C LYS C 307 1.49 17.34 -32.58
N GLY C 308 1.94 16.55 -31.60
CA GLY C 308 1.43 16.65 -30.24
C GLY C 308 0.36 15.63 -29.90
N PHE C 309 0.18 14.63 -30.76
CA PHE C 309 -0.94 13.72 -30.62
C PHE C 309 -0.46 12.29 -30.81
N ILE C 310 -0.78 11.42 -29.85
CA ILE C 310 -0.40 10.01 -29.97
C ILE C 310 -1.62 9.18 -30.35
N ARG C 311 -1.47 8.41 -31.42
CA ARG C 311 -2.55 7.63 -32.03
C ARG C 311 -2.32 6.15 -31.85
N SER C 312 -3.36 5.46 -31.36
CA SER C 312 -3.43 3.99 -31.38
C SER C 312 -4.74 3.48 -32.03
N ALA C 313 -4.62 2.41 -32.81
CA ALA C 313 -5.73 1.91 -33.67
C ALA C 313 -6.78 1.05 -32.96
N HIS C 314 -7.50 1.63 -31.99
CA HIS C 314 -8.54 0.91 -31.22
C HIS C 314 -8.01 -0.41 -30.70
N ARG C 315 -6.83 -0.38 -30.09
CA ARG C 315 -6.17 -1.59 -29.64
C ARG C 315 -5.93 -1.62 -28.13
N ALA C 316 -6.64 -0.78 -27.38
CA ALA C 316 -6.47 -0.77 -25.94
C ALA C 316 -6.77 -2.11 -25.30
N GLY C 317 -7.90 -2.72 -25.66
CA GLY C 317 -8.41 -3.91 -24.96
C GLY C 317 -8.18 -5.30 -25.55
N ALA C 318 -8.00 -5.39 -26.87
CA ALA C 318 -7.88 -6.65 -27.59
C ALA C 318 -6.57 -7.38 -27.35
N LEU C 319 -6.37 -7.92 -26.15
CA LEU C 319 -5.18 -8.74 -25.90
C LEU C 319 -5.49 -10.20 -25.91
N ASP C 320 -4.51 -11.02 -26.24
CA ASP C 320 -4.73 -12.46 -26.18
C ASP C 320 -5.08 -12.91 -24.77
N SER C 321 -4.41 -12.36 -23.76
CA SER C 321 -4.66 -12.74 -22.37
C SER C 321 -6.06 -12.38 -21.84
N ALA C 322 -6.67 -11.34 -22.42
CA ALA C 322 -8.00 -10.94 -21.97
C ALA C 322 -9.07 -11.94 -22.44
N PHE C 323 -8.90 -12.48 -23.64
CA PHE C 323 -9.82 -13.48 -24.17
C PHE C 323 -9.70 -14.78 -23.38
N LYS C 324 -8.47 -15.16 -23.04
CA LYS C 324 -8.25 -16.36 -22.24
C LYS C 324 -8.82 -16.26 -20.81
N LYS C 325 -8.89 -15.03 -20.30
CA LYS C 325 -9.47 -14.76 -19.01
C LYS C 325 -11.01 -14.85 -19.12
N GLY C 327 -12.81 -17.21 -20.75
CA GLY C 327 -13.08 -18.58 -20.35
C GLY C 327 -13.17 -18.76 -18.85
N ASP C 328 -12.02 -18.56 -18.18
CA ASP C 328 -11.93 -18.63 -16.72
C ASP C 328 -13.16 -18.01 -16.11
N VAL C 330 -16.25 -17.26 -17.28
CA VAL C 330 -17.51 -18.03 -17.47
C VAL C 330 -17.45 -19.39 -16.77
N LEU C 331 -16.30 -20.07 -16.89
CA LEU C 331 -16.11 -21.38 -16.31
C LEU C 331 -16.30 -21.38 -14.80
N GLU C 332 -15.58 -20.51 -14.09
CA GLU C 332 -15.72 -20.39 -12.63
C GLU C 332 -17.14 -20.04 -12.23
N ASP C 333 -17.78 -19.14 -12.97
CA ASP C 333 -19.15 -18.71 -12.66
C ASP C 333 -20.20 -19.68 -13.14
N ASP C 335 -19.47 -23.24 -12.66
CA ASP C 335 -19.30 -24.07 -11.48
C ASP C 335 -19.94 -23.46 -10.23
N LEU C 336 -20.34 -22.19 -10.31
CA LEU C 336 -21.07 -21.54 -9.24
C LEU C 336 -22.60 -21.63 -9.43
N ASP C 338 -24.37 -23.86 -11.09
CA ASP C 338 -24.79 -25.22 -10.75
C ASP C 338 -24.49 -25.55 -9.28
N ARG C 339 -24.61 -24.56 -8.42
CA ARG C 339 -24.60 -24.76 -6.98
C ARG C 339 -25.68 -23.87 -6.35
N GLY C 340 -26.65 -23.47 -7.17
CA GLY C 340 -27.78 -22.70 -6.69
C GLY C 340 -27.34 -21.35 -6.18
N LEU C 341 -26.12 -20.97 -6.55
CA LEU C 341 -25.53 -19.67 -6.19
C LEU C 341 -25.52 -18.71 -7.39
N PRO C 342 -25.61 -17.38 -7.11
CA PRO C 342 -25.44 -16.29 -8.08
C PRO C 342 -24.02 -16.17 -8.63
N PRO C 343 -23.79 -15.23 -9.57
CA PRO C 343 -22.43 -14.90 -9.98
C PRO C 343 -21.96 -13.55 -9.44
N GLU D 27 28.14 37.98 11.31
CA GLU D 27 28.76 36.78 10.64
C GLU D 27 27.98 35.45 10.73
N ARG D 28 27.46 35.10 9.56
CA ARG D 28 26.69 33.88 9.31
C ARG D 28 27.59 32.78 8.66
N PRO D 29 27.23 31.52 8.83
CA PRO D 29 28.16 30.50 8.33
C PRO D 29 28.44 30.63 6.83
N LEU D 30 29.65 30.38 6.41
CA LEU D 30 30.02 30.68 5.03
C LEU D 30 30.04 29.38 4.21
N ALA D 31 29.49 29.39 3.00
CA ALA D 31 29.64 28.23 2.08
C ALA D 31 30.26 28.65 0.76
N ILE D 32 31.10 27.77 0.23
CA ILE D 32 31.75 28.03 -1.05
C ILE D 32 30.96 27.33 -2.11
N SER D 33 30.58 28.10 -3.12
CA SER D 33 29.83 27.53 -4.22
C SER D 33 30.70 27.31 -5.45
N ALA D 34 30.77 26.06 -5.87
CA ALA D 34 31.48 25.72 -7.10
C ALA D 34 30.80 24.50 -7.69
N PRO D 35 29.59 24.67 -8.26
CA PRO D 35 28.72 23.53 -8.62
C PRO D 35 28.92 22.95 -10.01
N GLU D 36 29.83 23.56 -10.75
CA GLU D 36 30.04 23.29 -12.16
C GLU D 36 30.32 21.81 -12.30
N PRO D 37 29.69 21.14 -13.29
CA PRO D 37 28.98 21.68 -14.43
C PRO D 37 27.56 22.16 -14.11
N ARG D 38 27.16 22.15 -12.85
CA ARG D 38 25.83 22.66 -12.58
C ARG D 38 26.03 24.08 -12.17
N SER D 39 24.91 24.68 -11.73
CA SER D 39 24.92 26.06 -11.28
C SER D 39 23.92 26.32 -10.15
N LEU D 40 24.20 27.32 -9.31
CA LEU D 40 23.16 27.81 -8.41
C LEU D 40 21.90 28.22 -9.14
N ASP D 41 21.97 28.95 -10.25
CA ASP D 41 20.69 29.31 -10.91
C ASP D 41 19.82 28.09 -11.15
N LEU D 42 20.42 27.00 -11.62
CA LEU D 42 19.62 25.78 -11.95
C LEU D 42 19.13 24.92 -10.77
N ILE D 43 19.91 24.78 -9.72
CA ILE D 43 19.51 23.83 -8.69
C ILE D 43 18.70 24.46 -7.58
N PHE D 44 18.63 25.77 -7.55
CA PHE D 44 17.83 26.42 -6.50
C PHE D 44 16.70 27.13 -7.12
N SER D 45 15.54 26.93 -6.54
CA SER D 45 14.39 27.67 -6.96
C SER D 45 14.49 29.05 -6.30
N ASP D 46 13.49 29.90 -6.51
CA ASP D 46 13.51 31.26 -5.96
C ASP D 46 13.35 31.29 -4.45
N GLU D 47 12.26 30.71 -3.98
CA GLU D 47 12.04 30.55 -2.58
C GLU D 47 13.31 29.99 -1.97
N ALA D 48 13.84 28.90 -2.52
CA ALA D 48 15.03 28.30 -1.90
C ALA D 48 16.36 29.07 -2.01
N ARG D 49 16.62 29.69 -3.14
CA ARG D 49 17.79 30.54 -3.34
C ARG D 49 17.85 31.73 -2.37
N ALA D 50 16.73 32.39 -2.11
CA ALA D 50 16.63 33.40 -1.06
C ALA D 50 16.95 32.87 0.36
N ALA D 51 16.40 31.71 0.71
CA ALA D 51 16.70 31.19 2.03
C ALA D 51 18.21 31.02 2.12
N LEU D 52 18.78 30.46 1.05
CA LEU D 52 20.19 30.17 1.06
C LEU D 52 21.03 31.44 1.35
N HIS D 53 20.75 32.56 0.68
CA HIS D 53 21.54 33.76 0.97
C HIS D 53 21.17 34.51 2.22
N SER D 54 19.96 34.26 2.72
CA SER D 54 19.57 34.86 3.97
C SER D 54 20.41 34.27 5.07
N LYS D 55 20.53 32.95 5.01
CA LYS D 55 21.03 32.17 6.10
C LYS D 55 22.52 31.99 5.92
N TYR D 56 23.00 32.04 4.68
CA TYR D 56 24.45 31.81 4.40
C TYR D 56 25.16 32.92 3.65
N GLU D 57 26.45 33.00 3.86
CA GLU D 57 27.31 33.88 3.10
C GLU D 57 27.88 32.96 2.03
N ILE D 58 27.31 33.01 0.82
CA ILE D 58 27.72 32.11 -0.29
C ILE D 58 28.73 32.82 -1.16
N VAL D 59 29.92 32.26 -1.23
CA VAL D 59 30.99 32.75 -2.04
C VAL D 59 31.00 31.92 -3.29
N GLU D 60 30.86 32.57 -4.44
CA GLU D 60 30.96 31.86 -5.73
C GLU D 60 32.43 31.68 -6.08
N ALA D 61 32.87 30.46 -6.30
CA ALA D 61 34.28 30.25 -6.62
C ALA D 61 34.47 29.59 -7.98
N ASP D 62 35.64 29.84 -8.56
CA ASP D 62 36.06 29.11 -9.75
C ASP D 62 36.60 27.73 -9.36
N PRO D 63 35.97 26.68 -9.88
CA PRO D 63 36.23 25.35 -9.40
C PRO D 63 37.70 24.96 -9.49
N GLU D 64 38.45 25.52 -10.42
CA GLU D 64 39.82 25.08 -10.64
C GLU D 64 40.83 25.81 -9.76
N ASN D 65 40.33 26.69 -8.91
CA ASN D 65 41.23 27.54 -8.15
C ASN D 65 40.73 27.89 -6.74
N ILE D 66 40.24 26.89 -5.99
CA ILE D 66 39.74 27.09 -4.62
C ILE D 66 40.84 27.63 -3.71
N ALA D 67 42.08 27.27 -4.05
CA ALA D 67 43.27 27.65 -3.28
C ALA D 67 43.43 29.17 -3.18
N GLY D 68 43.18 29.82 -4.33
CA GLY D 68 43.26 31.26 -4.43
C GLY D 68 42.30 32.09 -3.59
N LEU D 69 41.22 31.51 -3.09
CA LEU D 69 40.27 32.33 -2.29
C LEU D 69 41.00 32.92 -1.10
N GLY D 70 40.44 33.93 -0.46
CA GLY D 70 41.16 34.45 0.70
C GLY D 70 41.44 33.41 1.78
N ASP D 71 42.49 33.58 2.56
CA ASP D 71 42.61 32.75 3.75
C ASP D 71 41.41 33.00 4.69
N ASP D 72 40.95 34.25 4.70
CA ASP D 72 39.80 34.69 5.48
C ASP D 72 38.54 33.88 5.14
N ILE D 73 38.35 33.61 3.85
CA ILE D 73 37.24 32.78 3.42
C ILE D 73 37.55 31.31 3.76
N LEU D 74 38.70 30.79 3.28
CA LEU D 74 39.05 29.37 3.47
C LEU D 74 39.05 28.96 4.94
N GLY D 75 39.36 29.87 5.83
CA GLY D 75 39.47 29.49 7.23
C GLY D 75 38.14 29.49 7.94
N ARG D 76 37.13 30.06 7.31
CA ARG D 76 35.81 30.26 7.92
C ARG D 76 34.76 29.38 7.22
N ALA D 77 35.13 28.82 6.07
CA ALA D 77 34.20 28.01 5.26
C ALA D 77 33.78 26.74 5.97
N ARG D 78 32.49 26.46 5.91
CA ARG D 78 31.83 25.37 6.61
C ARG D 78 31.29 24.31 5.67
N TYR D 79 31.03 24.70 4.43
CA TYR D 79 30.51 23.82 3.41
C TYR D 79 31.08 24.14 2.03
N ILE D 80 31.07 23.17 1.14
CA ILE D 80 31.32 23.40 -0.27
C ILE D 80 30.15 22.83 -1.03
N ILE D 81 29.51 23.63 -1.88
CA ILE D 81 28.45 23.11 -2.74
C ILE D 81 29.07 22.85 -4.12
N GLY D 82 29.22 21.58 -4.47
CA GLY D 82 29.79 21.20 -5.74
C GLY D 82 30.95 20.24 -5.54
N GLN D 83 31.71 20.01 -6.61
CA GLN D 83 32.76 18.99 -6.70
C GLN D 83 34.09 19.56 -7.12
N PRO D 84 34.63 20.56 -6.40
CA PRO D 84 35.92 21.08 -6.89
C PRO D 84 37.13 20.20 -6.52
N PRO D 85 38.06 20.02 -7.46
CA PRO D 85 39.36 19.39 -7.15
C PRO D 85 40.02 20.07 -5.96
N LEU D 86 40.31 19.29 -4.92
CA LEU D 86 40.93 19.76 -3.65
C LEU D 86 42.13 18.92 -3.23
N SER D 87 43.12 19.57 -2.63
CA SER D 87 44.38 18.95 -2.25
C SER D 87 44.52 19.00 -0.73
N ALA D 88 45.21 18.03 -0.12
CA ALA D 88 45.44 18.02 1.32
C ALA D 88 45.94 19.38 1.72
N GLU D 89 46.81 19.92 0.87
CA GLU D 89 47.35 21.26 1.01
C GLU D 89 46.21 22.24 1.33
N THR D 90 45.26 22.34 0.41
CA THR D 90 44.16 23.26 0.57
C THR D 90 43.29 22.84 1.74
N LEU D 91 42.94 21.55 1.76
CA LEU D 91 42.08 21.03 2.80
C LEU D 91 42.58 21.46 4.17
N ALA D 92 43.91 21.53 4.33
CA ALA D 92 44.50 21.83 5.63
C ALA D 92 44.19 23.26 6.03
N ARG D 93 43.99 24.11 5.04
CA ARG D 93 43.65 25.49 5.33
C ARG D 93 42.17 25.71 5.71
N PRO D 95 39.98 24.68 8.50
CA PRO D 95 39.63 24.10 9.79
C PRO D 95 38.14 23.94 10.07
N ALA D 96 37.28 24.77 9.50
CA ALA D 96 35.86 24.72 9.90
C ALA D 96 34.98 23.91 8.93
N LEU D 97 35.58 23.19 8.01
CA LEU D 97 34.81 22.65 6.96
C LEU D 97 33.97 21.43 7.43
N ARG D 98 32.68 21.48 7.28
CA ARG D 98 31.84 20.44 7.91
C ARG D 98 31.42 19.38 6.89
N SER D 99 31.26 19.81 5.63
CA SER D 99 30.81 18.90 4.58
C SER D 99 31.00 19.44 3.18
N ILE D 100 31.04 18.50 2.24
CA ILE D 100 31.09 18.82 0.83
C ILE D 100 29.83 18.23 0.25
N LEU D 101 28.99 19.08 -0.34
CA LEU D 101 27.68 18.71 -0.85
C LEU D 101 27.80 18.72 -2.34
N ASN D 102 27.86 17.50 -2.86
CA ASN D 102 28.22 17.22 -4.23
C ASN D 102 26.97 17.17 -5.07
N VAL D 103 26.90 18.05 -6.06
CA VAL D 103 25.64 18.31 -6.80
C VAL D 103 25.56 17.72 -8.23
N GLU D 104 26.70 17.41 -8.83
CA GLU D 104 26.77 16.38 -9.88
C GLU D 104 26.50 15.09 -9.07
N SER D 105 25.97 14.04 -9.66
CA SER D 105 25.57 12.90 -8.80
C SER D 105 26.66 11.90 -8.44
N ASN D 106 27.89 12.21 -8.79
CA ASN D 106 28.95 11.23 -8.82
C ASN D 106 30.23 11.75 -8.18
N LEU D 107 30.74 11.00 -7.20
CA LEU D 107 32.00 11.29 -6.56
C LEU D 107 33.07 11.40 -7.62
N LEU D 108 34.07 12.26 -7.38
CA LEU D 108 35.21 12.39 -8.28
C LEU D 108 36.46 11.99 -7.52
N ASN D 109 37.42 11.41 -8.23
CA ASN D 109 38.68 11.04 -7.64
C ASN D 109 39.62 12.24 -7.50
N ASN D 110 39.03 13.42 -7.32
CA ASN D 110 39.78 14.66 -7.26
C ASN D 110 40.04 15.17 -5.85
N PRO D 112 41.66 14.23 -1.57
CA PRO D 112 42.22 13.30 -0.58
C PRO D 112 41.12 12.81 0.37
N TYR D 113 40.40 11.78 -0.07
CA TYR D 113 39.34 11.21 0.74
C TYR D 113 39.80 10.69 2.10
N GLU D 114 41.08 10.38 2.23
CA GLU D 114 41.68 9.96 3.48
C GLU D 114 41.50 11.05 4.54
N VAL D 115 41.85 12.29 4.21
CA VAL D 115 41.88 13.33 5.25
C VAL D 115 40.49 13.88 5.64
N LEU D 116 39.50 13.78 4.75
CA LEU D 116 38.10 13.83 5.14
C LEU D 116 37.98 12.63 6.03
N PHE D 117 36.79 12.13 6.36
CA PHE D 117 36.69 10.89 7.19
C PHE D 117 37.44 11.01 8.53
N GLN D 118 38.77 11.02 8.43
CA GLN D 118 39.69 11.53 9.44
C GLN D 118 39.10 12.70 10.24
N ARG D 119 38.77 13.78 9.53
CA ARG D 119 38.25 14.93 10.20
C ARG D 119 36.74 14.86 10.33
N GLY D 120 36.15 13.73 9.93
CA GLY D 120 34.70 13.59 10.01
C GLY D 120 33.98 14.62 9.14
N ILE D 121 34.62 15.03 8.05
CA ILE D 121 33.97 15.88 7.07
C ILE D 121 33.16 15.02 6.11
N HIS D 122 31.85 15.22 6.08
CA HIS D 122 30.97 14.41 5.21
C HIS D 122 30.98 14.83 3.78
N VAL D 123 30.95 13.85 2.89
CA VAL D 123 30.68 14.12 1.49
C VAL D 123 29.40 13.39 1.15
N VAL D 124 28.42 14.18 0.72
CA VAL D 124 27.10 13.73 0.39
C VAL D 124 26.77 14.01 -1.08
N THR D 125 25.71 13.37 -1.56
CA THR D 125 25.40 13.26 -2.93
C THR D 125 23.89 13.44 -3.08
N THR D 126 23.53 14.06 -4.18
CA THR D 126 22.20 14.57 -4.36
C THR D 126 21.42 13.69 -5.38
N GLY D 127 22.01 12.54 -5.73
CA GLY D 127 21.51 11.70 -6.81
C GLY D 127 20.08 11.23 -6.69
N GLN D 128 19.50 11.28 -5.50
CA GLN D 128 18.17 10.71 -5.34
C GLN D 128 17.09 11.48 -6.10
N VAL D 129 17.41 12.67 -6.58
CA VAL D 129 16.39 13.47 -7.24
C VAL D 129 16.09 12.82 -8.56
N PHE D 130 16.95 11.91 -8.97
CA PHE D 130 16.71 11.23 -10.24
C PHE D 130 15.76 10.01 -10.14
N ALA D 131 15.70 9.36 -8.99
CA ALA D 131 14.97 8.12 -8.88
C ALA D 131 13.55 8.17 -9.45
N GLU D 132 12.82 9.25 -9.18
CA GLU D 132 11.41 9.36 -9.53
C GLU D 132 11.24 9.58 -11.05
N PRO D 133 11.85 10.66 -11.62
CA PRO D 133 11.76 10.77 -13.06
C PRO D 133 12.31 9.54 -13.77
N VAL D 134 13.48 9.05 -13.39
CA VAL D 134 14.01 7.89 -14.08
C VAL D 134 13.04 6.69 -14.02
N ALA D 135 12.29 6.58 -12.92
CA ALA D 135 11.44 5.42 -12.74
C ALA D 135 10.19 5.54 -13.60
N GLU D 136 9.69 6.76 -13.75
CA GLU D 136 8.45 6.94 -14.49
C GLU D 136 8.71 6.65 -15.97
N ILE D 137 9.77 7.22 -16.50
CA ILE D 137 10.17 6.98 -17.88
C ILE D 137 10.52 5.47 -18.06
N GLY D 138 11.13 4.84 -17.05
CA GLY D 138 11.36 3.42 -17.09
C GLY D 138 10.08 2.60 -17.22
N LEU D 139 9.11 2.87 -16.37
CA LEU D 139 7.85 2.17 -16.52
C LEU D 139 7.21 2.56 -17.87
N GLY D 140 7.46 3.78 -18.34
CA GLY D 140 6.97 4.22 -19.63
C GLY D 140 7.60 3.51 -20.82
N PHE D 141 8.89 3.19 -20.72
CA PHE D 141 9.57 2.34 -21.68
C PHE D 141 9.03 0.92 -21.65
N ALA D 142 8.74 0.37 -20.47
CA ALA D 142 8.19 -0.97 -20.38
C ALA D 142 6.80 -1.10 -21.02
N LEU D 143 5.94 -0.10 -20.84
CA LEU D 143 4.62 -0.20 -21.44
C LEU D 143 4.75 0.03 -22.93
N ALA D 144 5.73 0.85 -23.33
CA ALA D 144 5.93 1.07 -24.74
C ALA D 144 6.26 -0.29 -25.38
N LEU D 145 7.24 -0.97 -24.81
CA LEU D 145 7.65 -2.27 -25.27
C LEU D 145 6.47 -3.26 -25.17
N ALA D 146 5.87 -3.33 -23.99
CA ALA D 146 4.82 -4.26 -23.75
C ALA D 146 3.79 -4.15 -24.86
N ARG D 147 3.57 -2.93 -25.35
CA ARG D 147 2.41 -2.70 -26.24
C ARG D 147 2.59 -2.04 -27.63
N GLY D 148 3.83 -1.85 -28.07
CA GLY D 148 4.14 -1.25 -29.36
C GLY D 148 3.59 0.14 -29.57
N ILE D 149 3.39 0.87 -28.47
CA ILE D 149 3.03 2.29 -28.49
C ILE D 149 3.77 3.11 -29.58
N VAL D 150 5.11 3.05 -29.61
CA VAL D 150 5.87 3.88 -30.57
C VAL D 150 5.57 3.50 -32.03
N ASP D 151 5.67 2.21 -32.32
CA ASP D 151 5.44 1.67 -33.65
C ASP D 151 4.02 1.95 -34.11
N ALA D 152 3.05 1.66 -33.25
CA ALA D 152 1.64 1.85 -33.56
C ALA D 152 1.32 3.30 -33.89
N ASP D 153 1.96 4.23 -33.19
CA ASP D 153 1.76 5.63 -33.53
C ASP D 153 2.38 5.91 -34.90
N ILE D 154 3.65 5.51 -35.08
CA ILE D 154 4.34 5.61 -36.38
C ILE D 154 3.53 5.00 -37.55
N ALA D 155 3.00 3.79 -37.35
CA ALA D 155 2.05 3.18 -38.28
C ALA D 155 0.84 4.07 -38.63
N PHE D 156 0.25 4.69 -37.62
CA PHE D 156 -0.91 5.52 -37.82
C PHE D 156 -0.51 6.77 -38.60
N GLN D 157 0.69 7.25 -38.33
CA GLN D 157 1.24 8.41 -39.00
C GLN D 157 1.38 8.11 -40.48
N GLU D 158 1.92 6.93 -40.79
CA GLU D 158 2.23 6.57 -42.17
C GLU D 158 1.04 5.98 -42.92
N GLY D 159 0.18 5.25 -42.20
CA GLY D 159 -1.05 4.67 -42.75
C GLY D 159 -1.10 3.14 -42.79
N THR D 160 -0.32 2.47 -41.93
CA THR D 160 -0.02 1.04 -42.14
C THR D 160 0.23 0.05 -40.97
N GLU D 161 -0.69 -0.27 -40.05
CA GLU D 161 -1.96 0.39 -39.72
C GLU D 161 -3.00 -0.55 -39.06
N LEU D 162 -2.56 -1.70 -38.53
CA LEU D 162 -3.49 -2.72 -38.04
C LEU D 162 -4.43 -2.29 -36.92
N TRP D 163 -5.74 -2.47 -37.12
CA TRP D 163 -6.75 -2.14 -36.12
C TRP D 163 -6.97 -3.25 -35.10
N GLY D 164 -7.58 -2.90 -33.98
CA GLY D 164 -7.35 -3.58 -32.69
C GLY D 164 -7.51 -5.08 -32.54
N GLY D 165 -6.42 -5.83 -32.62
CA GLY D 165 -6.51 -7.27 -32.42
C GLY D 165 -5.46 -7.99 -33.23
N GLU D 166 -5.44 -7.70 -34.54
CA GLU D 166 -4.41 -8.22 -35.42
C GLU D 166 -3.12 -7.52 -35.07
N GLY D 167 -3.25 -6.31 -34.52
CA GLY D 167 -2.11 -5.51 -34.07
C GLY D 167 -1.48 -6.08 -32.82
N ASN D 168 -2.32 -6.39 -31.84
CA ASN D 168 -1.85 -6.88 -30.56
C ASN D 168 -1.44 -8.36 -30.55
N ALA D 169 -0.71 -8.75 -31.59
CA ALA D 169 -0.21 -10.11 -31.72
C ALA D 169 0.87 -10.40 -30.68
N SER D 170 1.76 -9.43 -30.47
CA SER D 170 2.86 -9.62 -29.52
C SER D 170 2.80 -8.56 -28.43
N ALA D 171 1.73 -8.58 -27.65
CA ALA D 171 1.36 -7.46 -26.82
C ALA D 171 0.80 -7.89 -25.45
N ARG D 172 1.62 -7.80 -24.42
CA ARG D 172 1.22 -8.29 -23.11
C ARG D 172 0.88 -7.20 -22.04
N LEU D 173 0.46 -7.70 -20.88
CA LEU D 173 0.28 -6.92 -19.69
C LEU D 173 1.54 -6.93 -18.83
N ILE D 174 1.63 -5.95 -17.94
CA ILE D 174 2.69 -5.96 -16.92
C ILE D 174 2.12 -6.58 -15.65
N ALA D 175 0.84 -6.30 -15.44
CA ALA D 175 0.06 -6.79 -14.33
C ALA D 175 0.47 -8.20 -13.87
N GLY D 176 0.18 -9.21 -14.66
CA GLY D 176 0.49 -10.54 -14.17
C GLY D 176 1.97 -10.92 -14.17
N SER D 177 2.81 -10.07 -14.75
CA SER D 177 4.11 -10.50 -15.22
C SER D 177 5.11 -10.79 -14.12
N GLU D 178 6.27 -11.29 -14.52
CA GLU D 178 7.42 -11.43 -13.66
C GLU D 178 8.42 -10.37 -14.06
N ILE D 179 8.94 -9.62 -13.07
CA ILE D 179 9.80 -8.47 -13.35
C ILE D 179 11.07 -8.67 -12.59
N GLY D 180 12.16 -8.09 -13.06
CA GLY D 180 13.46 -8.36 -12.50
C GLY D 180 14.30 -7.11 -12.48
N ILE D 181 15.02 -6.92 -11.37
CA ILE D 181 15.84 -5.73 -11.24
C ILE D 181 17.27 -6.10 -10.87
N VAL D 182 18.18 -5.46 -11.58
CA VAL D 182 19.59 -5.61 -11.41
C VAL D 182 19.96 -4.26 -10.83
N GLY D 183 20.23 -4.29 -9.53
CA GLY D 183 20.55 -3.08 -8.79
C GLY D 183 19.31 -2.76 -8.03
N PHE D 184 19.48 -1.94 -7.00
CA PHE D 184 18.38 -1.48 -6.19
C PHE D 184 18.75 -0.37 -5.22
N GLY D 185 19.06 0.81 -5.71
CA GLY D 185 19.28 1.85 -4.71
C GLY D 185 18.00 2.65 -4.66
N ASP D 186 18.15 3.96 -4.77
CA ASP D 186 17.01 4.83 -4.82
C ASP D 186 16.13 4.49 -6.02
N LEU D 187 16.76 4.21 -7.15
CA LEU D 187 16.05 3.85 -8.38
C LEU D 187 15.17 2.61 -8.26
N GLY D 188 15.71 1.55 -7.64
CA GLY D 188 14.88 0.38 -7.35
C GLY D 188 13.67 0.77 -6.53
N LYS D 189 13.90 1.49 -5.43
CA LYS D 189 12.79 1.90 -4.60
C LYS D 189 11.73 2.63 -5.41
N ALA D 190 12.16 3.61 -6.21
CA ALA D 190 11.19 4.38 -6.98
C ALA D 190 10.53 3.47 -7.99
N LEU D 191 11.31 2.56 -8.57
CA LEU D 191 10.78 1.58 -9.50
C LEU D 191 9.80 0.67 -8.82
N ARG D 192 10.10 0.25 -7.58
CA ARG D 192 9.12 -0.52 -6.81
C ARG D 192 7.84 0.25 -6.49
N ARG D 193 7.93 1.54 -6.21
CA ARG D 193 6.74 2.34 -5.88
C ARG D 193 5.78 2.44 -7.08
N VAL D 194 6.25 3.02 -8.18
CA VAL D 194 5.44 3.07 -9.40
C VAL D 194 4.92 1.72 -9.95
N LEU D 195 5.68 0.63 -9.78
CA LEU D 195 5.13 -0.71 -10.12
C LEU D 195 4.08 -1.25 -9.15
N SER D 196 3.79 -0.54 -8.07
CA SER D 196 2.96 -1.16 -7.00
C SER D 196 1.52 -1.41 -7.41
N GLY D 197 0.99 -0.60 -8.31
CA GLY D 197 -0.34 -0.81 -8.83
C GLY D 197 -0.48 -2.07 -9.66
N PHE D 198 0.62 -2.63 -10.13
CA PHE D 198 0.55 -3.76 -11.07
C PHE D 198 0.52 -5.12 -10.42
N ARG D 199 0.89 -5.19 -9.14
CA ARG D 199 0.82 -6.45 -8.42
C ARG D 199 1.47 -7.55 -9.28
N ALA D 200 2.75 -7.35 -9.56
CA ALA D 200 3.58 -8.32 -10.22
C ALA D 200 4.53 -8.99 -9.22
N ARG D 201 5.32 -9.92 -9.72
CA ARG D 201 6.27 -10.57 -8.88
C ARG D 201 7.60 -9.98 -9.31
N ILE D 202 8.30 -9.38 -8.37
CA ILE D 202 9.47 -8.63 -8.69
C ILE D 202 10.62 -9.29 -8.00
N ARG D 203 11.57 -9.77 -8.79
CA ARG D 203 12.74 -10.43 -8.24
C ARG D 203 13.79 -9.41 -8.44
N VAL D 204 14.74 -9.29 -7.52
CA VAL D 204 15.82 -8.30 -7.69
C VAL D 204 17.10 -8.80 -7.12
N PHE D 205 18.18 -8.55 -7.85
CA PHE D 205 19.54 -8.85 -7.46
C PHE D 205 20.21 -7.56 -6.96
N ASP D 206 20.48 -7.45 -5.67
CA ASP D 206 21.32 -6.36 -5.14
C ASP D 206 22.22 -6.88 -3.99
N PRO D 207 23.49 -7.23 -4.30
CA PRO D 207 24.36 -7.78 -3.26
C PRO D 207 25.06 -6.72 -2.36
N TRP D 208 24.52 -5.51 -2.27
CA TRP D 208 24.99 -4.46 -1.36
C TRP D 208 23.91 -4.16 -0.35
N LEU D 209 22.78 -4.86 -0.53
CA LEU D 209 21.73 -4.83 0.44
C LEU D 209 21.57 -6.21 1.07
N PRO D 210 21.33 -6.22 2.38
CA PRO D 210 21.01 -7.45 3.06
C PRO D 210 19.61 -7.88 2.66
N ARG D 211 19.38 -9.19 2.52
CA ARG D 211 18.11 -9.75 2.02
C ARG D 211 16.85 -9.34 2.82
N SER D 212 17.04 -9.08 4.11
CA SER D 212 15.97 -8.60 4.94
C SER D 212 15.55 -7.21 4.49
N LEU D 214 15.81 -5.93 1.40
CA LEU D 214 15.07 -6.12 0.19
C LEU D 214 13.64 -6.48 0.54
N GLU D 215 13.44 -7.48 1.39
CA GLU D 215 12.11 -8.00 1.65
C GLU D 215 11.17 -6.96 2.21
N GLU D 216 11.68 -6.08 3.05
CA GLU D 216 10.84 -5.03 3.63
C GLU D 216 10.57 -3.90 2.67
N ASN D 217 11.15 -4.03 1.50
CA ASN D 217 10.98 -3.03 0.52
C ASN D 217 10.04 -3.57 -0.54
N GLY D 218 9.48 -4.74 -0.26
CA GLY D 218 8.40 -5.30 -1.05
C GLY D 218 8.88 -6.06 -2.27
N VAL D 219 10.11 -6.52 -2.25
CA VAL D 219 10.62 -7.28 -3.35
C VAL D 219 11.10 -8.65 -2.88
N GLU D 220 11.20 -9.57 -3.83
CA GLU D 220 11.76 -10.88 -3.59
C GLU D 220 13.25 -10.93 -4.01
N PRO D 221 14.18 -10.97 -3.05
CA PRO D 221 15.62 -11.08 -3.43
C PRO D 221 15.89 -12.36 -4.21
N ALA D 222 16.86 -12.32 -5.12
CA ALA D 222 17.03 -13.37 -6.10
C ALA D 222 18.43 -13.31 -6.72
N SER D 223 18.92 -14.46 -7.15
CA SER D 223 20.24 -14.50 -7.80
C SER D 223 20.21 -13.78 -9.14
N LEU D 224 21.38 -13.30 -9.56
CA LEU D 224 21.52 -12.69 -10.87
C LEU D 224 20.86 -13.52 -11.96
N GLU D 225 21.19 -14.81 -12.04
CA GLU D 225 20.67 -15.58 -13.16
C GLU D 225 19.16 -15.87 -13.09
N ASP D 226 18.55 -15.82 -11.90
CA ASP D 226 17.09 -15.93 -11.83
C ASP D 226 16.39 -14.70 -12.40
N VAL D 227 16.87 -13.51 -12.00
CA VAL D 227 16.43 -12.24 -12.54
C VAL D 227 16.51 -12.29 -14.08
N LEU D 228 17.67 -12.70 -14.60
CA LEU D 228 17.93 -12.82 -16.02
C LEU D 228 17.05 -13.83 -16.74
N THR D 229 16.78 -14.96 -16.11
CA THR D 229 16.15 -16.04 -16.86
C THR D 229 14.67 -16.17 -16.59
N LYS D 230 14.16 -15.44 -15.61
CA LYS D 230 12.81 -15.76 -15.12
C LYS D 230 11.89 -14.59 -15.08
N SER D 231 12.13 -13.61 -15.95
CA SER D 231 11.46 -12.32 -15.93
C SER D 231 11.05 -11.91 -17.33
N ASP D 232 9.81 -11.45 -17.42
CA ASP D 232 9.22 -10.96 -18.63
C ASP D 232 9.78 -9.57 -18.97
N PHE D 233 10.12 -8.80 -17.91
CA PHE D 233 10.67 -7.42 -18.02
C PHE D 233 11.87 -7.33 -17.09
N ILE D 234 12.96 -6.72 -17.55
CA ILE D 234 14.15 -6.58 -16.74
C ILE D 234 14.58 -5.12 -16.79
N PHE D 235 14.55 -4.45 -15.65
CA PHE D 235 15.10 -3.12 -15.56
C PHE D 235 16.49 -3.24 -14.96
N VAL D 236 17.46 -2.53 -15.52
CA VAL D 236 18.83 -2.49 -15.02
C VAL D 236 19.00 -1.11 -14.45
N VAL D 237 19.62 -0.96 -13.27
CA VAL D 237 19.32 0.20 -12.42
C VAL D 237 20.40 0.88 -11.57
N PHE D 247 30.32 -7.63 -17.12
CA PHE D 247 29.27 -8.65 -17.11
C PHE D 247 28.11 -8.17 -17.96
N LEU D 248 27.04 -8.97 -18.08
CA LEU D 248 25.90 -8.67 -18.96
C LEU D 248 26.28 -8.57 -20.44
N GLY D 249 26.39 -9.72 -21.10
CA GLY D 249 26.74 -9.80 -22.52
C GLY D 249 25.97 -10.90 -23.23
N ALA D 250 26.59 -11.54 -24.21
CA ALA D 250 25.80 -12.44 -25.08
C ALA D 250 25.20 -13.63 -24.31
N GLU D 251 25.92 -14.21 -23.36
CA GLU D 251 25.33 -15.32 -22.59
C GLU D 251 24.17 -14.85 -21.70
N ALA D 252 24.37 -13.69 -21.05
CA ALA D 252 23.30 -12.97 -20.35
C ALA D 252 22.08 -12.79 -21.26
N PHE D 253 22.21 -12.10 -22.39
CA PHE D 253 21.07 -11.97 -23.30
C PHE D 253 20.41 -13.26 -23.81
N SER D 254 21.20 -14.30 -24.11
CA SER D 254 20.63 -15.50 -24.71
C SER D 254 19.90 -16.27 -23.65
N SER D 255 20.27 -16.05 -22.40
CA SER D 255 19.53 -16.69 -21.30
C SER D 255 18.15 -16.12 -20.95
N ARG D 257 14.15 -15.13 -21.21
CA ARG D 257 12.95 -15.69 -21.88
C ARG D 257 12.69 -14.98 -23.19
N ARG D 258 12.09 -15.97 -24.13
CA ARG D 258 12.08 -15.51 -25.50
C ARG D 258 11.45 -14.13 -25.74
N GLY D 259 10.30 -13.73 -25.40
CA GLY D 259 9.82 -12.35 -25.67
C GLY D 259 10.29 -11.23 -24.71
N ALA D 260 11.29 -11.40 -23.82
CA ALA D 260 11.67 -10.52 -22.70
C ALA D 260 12.09 -9.11 -23.13
N ALA D 261 11.66 -8.10 -22.34
CA ALA D 261 12.01 -6.73 -22.59
C ALA D 261 13.11 -6.37 -21.61
N PHE D 262 14.07 -5.60 -22.06
CA PHE D 262 15.25 -5.31 -21.28
C PHE D 262 15.38 -3.81 -21.24
N ILE D 263 15.24 -3.22 -20.05
CA ILE D 263 15.20 -1.75 -19.94
C ILE D 263 16.41 -1.29 -19.19
N LEU D 264 17.28 -0.56 -19.87
CA LEU D 264 18.53 -0.15 -19.27
C LEU D 264 18.54 1.33 -18.95
N LEU D 265 18.66 1.66 -17.67
CA LEU D 265 18.42 3.01 -17.21
C LEU D 265 19.64 3.70 -16.64
N SER D 266 20.66 2.96 -16.21
CA SER D 266 21.84 3.62 -15.68
C SER D 266 23.09 2.99 -16.20
N ARG D 267 24.05 3.82 -16.54
CA ARG D 267 25.40 3.36 -16.92
C ARG D 267 25.43 2.23 -17.96
N ALA D 268 25.67 2.61 -19.21
CA ALA D 268 25.92 1.67 -20.29
C ALA D 268 27.19 0.83 -20.02
N ASP D 269 28.08 1.36 -19.18
CA ASP D 269 29.35 0.73 -18.75
C ASP D 269 29.27 -0.75 -18.57
N VAL D 270 28.11 -1.28 -18.21
CA VAL D 270 28.00 -2.67 -17.81
C VAL D 270 27.31 -3.60 -18.79
N VAL D 271 26.85 -3.08 -19.93
CA VAL D 271 26.29 -3.96 -20.93
C VAL D 271 27.30 -4.07 -22.04
N ASP D 272 27.31 -5.23 -22.69
CA ASP D 272 28.03 -5.37 -23.93
C ASP D 272 27.09 -4.89 -25.00
N PHE D 273 27.26 -3.62 -25.33
CA PHE D 273 26.29 -2.98 -26.19
C PHE D 273 26.11 -3.67 -27.54
N ASP D 274 27.21 -4.21 -28.07
CA ASP D 274 27.15 -4.94 -29.33
C ASP D 274 26.33 -6.20 -29.21
N ALA D 275 26.57 -6.99 -28.16
CA ALA D 275 25.73 -8.17 -27.86
C ALA D 275 24.22 -7.84 -27.71
N LEU D 276 23.92 -6.68 -27.08
CA LEU D 276 22.53 -6.25 -26.83
C LEU D 276 21.80 -6.06 -28.14
N ALA D 278 22.83 -7.13 -31.18
CA ALA D 278 22.71 -8.44 -31.79
C ALA D 278 21.47 -9.14 -31.20
N ALA D 279 21.35 -9.18 -29.87
CA ALA D 279 20.24 -9.90 -29.25
C ALA D 279 18.90 -9.31 -29.67
N VAL D 280 18.88 -8.00 -29.92
CA VAL D 280 17.64 -7.31 -30.29
C VAL D 280 17.24 -7.53 -31.73
N SER D 281 18.18 -7.26 -32.64
CA SER D 281 17.99 -7.48 -34.09
C SER D 281 17.57 -8.92 -34.46
N SER D 282 18.14 -9.94 -33.83
CA SER D 282 17.66 -11.31 -34.07
C SER D 282 16.21 -11.56 -33.62
N GLY D 283 15.62 -10.61 -32.91
CA GLY D 283 14.28 -10.78 -32.37
C GLY D 283 14.25 -11.69 -31.15
N HIS D 284 15.38 -11.92 -30.48
CA HIS D 284 15.35 -12.56 -29.16
C HIS D 284 14.74 -11.66 -28.08
N ILE D 285 15.17 -10.42 -27.95
CA ILE D 285 14.53 -9.53 -26.98
C ILE D 285 14.22 -8.22 -27.65
N VAL D 286 13.22 -7.50 -27.15
CA VAL D 286 13.11 -6.06 -27.40
C VAL D 286 13.73 -5.30 -26.24
N ALA D 287 13.99 -4.01 -26.42
CA ALA D 287 14.77 -3.25 -25.44
C ALA D 287 14.59 -1.73 -25.55
N ALA D 288 15.09 -1.04 -24.55
CA ALA D 288 15.03 0.42 -24.44
C ALA D 288 16.22 0.89 -23.62
N SER D 289 16.88 1.95 -24.04
CA SER D 289 17.91 2.48 -23.20
C SER D 289 17.87 3.96 -23.26
N ASP D 290 18.28 4.58 -22.16
CA ASP D 290 18.37 6.01 -22.06
C ASP D 290 19.84 6.30 -21.97
N VAL D 291 20.66 5.27 -21.76
CA VAL D 291 22.13 5.48 -21.79
C VAL D 291 22.84 4.74 -22.90
N TYR D 292 24.03 5.23 -23.31
CA TYR D 292 24.78 4.68 -24.48
C TYR D 292 26.30 4.69 -24.33
N PRO D 293 27.01 3.89 -25.16
CA PRO D 293 28.49 3.74 -25.07
C PRO D 293 29.32 5.01 -25.30
N GLU D 294 29.04 5.79 -26.35
CA GLU D 294 29.53 7.19 -26.43
C GLU D 294 28.33 8.13 -26.38
N GLU D 295 28.42 9.23 -25.64
CA GLU D 295 27.30 10.17 -25.56
C GLU D 295 27.77 11.60 -25.68
N PRO D 296 27.16 12.38 -26.61
CA PRO D 296 26.26 12.02 -27.70
C PRO D 296 26.74 10.87 -28.58
N LEU D 297 25.80 10.04 -29.03
CA LEU D 297 26.09 9.05 -30.04
C LEU D 297 26.46 9.74 -31.33
N PRO D 298 27.30 9.09 -32.18
CA PRO D 298 27.48 9.49 -33.58
C PRO D 298 26.23 9.24 -34.43
N LEU D 299 26.04 10.01 -35.48
CA LEU D 299 24.86 9.85 -36.36
C LEU D 299 24.96 8.57 -37.18
N ASP D 300 26.17 8.03 -37.32
CA ASP D 300 26.41 6.79 -38.03
C ASP D 300 25.71 5.61 -37.37
N HIS D 301 25.65 5.65 -36.04
CA HIS D 301 25.45 4.48 -35.23
C HIS D 301 24.33 3.51 -35.60
N PRO D 302 24.63 2.19 -35.59
CA PRO D 302 23.63 1.14 -35.90
C PRO D 302 22.31 1.17 -35.07
N VAL D 303 22.40 1.55 -33.80
CA VAL D 303 21.24 1.47 -32.89
C VAL D 303 20.11 2.48 -33.28
N ARG D 304 20.52 3.52 -34.01
CA ARG D 304 19.60 4.47 -34.62
C ARG D 304 18.62 3.88 -35.65
N SER D 305 18.96 2.75 -36.26
CA SER D 305 18.07 2.21 -37.29
C SER D 305 17.40 0.87 -36.93
N LEU D 306 17.70 0.43 -35.71
CA LEU D 306 17.35 -0.89 -35.19
C LEU D 306 15.91 -1.05 -34.68
N LYS D 307 15.23 -2.09 -35.14
CA LYS D 307 13.83 -2.33 -34.76
C LYS D 307 13.83 -3.09 -33.44
N GLY D 308 12.75 -2.93 -32.66
CA GLY D 308 12.63 -3.53 -31.36
C GLY D 308 13.33 -2.75 -30.25
N PHE D 309 13.79 -1.55 -30.57
CA PHE D 309 14.57 -0.77 -29.64
C PHE D 309 13.91 0.58 -29.42
N ILE D 310 13.54 0.88 -28.18
CA ILE D 310 13.15 2.25 -27.86
C ILE D 310 14.36 3.02 -27.36
N ARG D 311 14.54 4.23 -27.93
CA ARG D 311 15.68 5.09 -27.70
C ARG D 311 15.33 6.37 -26.91
N SER D 312 16.30 6.84 -26.10
CA SER D 312 16.12 7.99 -25.27
C SER D 312 17.46 8.64 -25.05
N ALA D 313 17.53 9.97 -25.19
CA ALA D 313 18.83 10.61 -25.28
C ALA D 313 19.29 11.04 -23.91
N HIS D 314 19.68 10.06 -23.11
CA HIS D 314 20.07 10.34 -21.73
C HIS D 314 19.25 11.43 -21.11
N ARG D 315 17.94 11.32 -21.24
CA ARG D 315 17.04 12.29 -20.63
C ARG D 315 16.17 11.67 -19.56
N ALA D 316 16.45 10.43 -19.16
CA ALA D 316 15.55 9.79 -18.19
C ALA D 316 15.40 10.64 -16.92
N GLY D 317 16.52 11.14 -16.38
CA GLY D 317 16.48 11.92 -15.17
C GLY D 317 16.61 13.45 -15.19
N ALA D 318 17.06 14.09 -16.27
CA ALA D 318 17.26 15.55 -16.16
C ALA D 318 15.97 16.40 -16.31
N LEU D 319 15.12 16.43 -15.29
CA LEU D 319 13.96 17.32 -15.31
C LEU D 319 14.21 18.54 -14.42
N ASP D 320 13.69 19.72 -14.79
CA ASP D 320 13.90 20.93 -14.01
C ASP D 320 13.49 20.76 -12.55
N SER D 321 12.31 20.20 -12.33
CA SER D 321 11.83 20.02 -11.00
C SER D 321 12.82 19.13 -10.20
N ALA D 322 13.51 18.23 -10.91
CA ALA D 322 14.49 17.35 -10.31
C ALA D 322 15.68 18.15 -9.85
N PHE D 323 16.18 19.02 -10.72
CA PHE D 323 17.31 19.87 -10.37
C PHE D 323 16.95 20.81 -9.22
N LYS D 324 15.69 21.26 -9.17
CA LYS D 324 15.25 22.08 -8.07
C LYS D 324 15.29 21.34 -6.77
N LYS D 325 14.93 20.05 -6.78
CA LYS D 325 14.96 19.28 -5.57
C LYS D 325 16.36 19.16 -4.97
N GLY D 327 18.53 21.73 -4.76
CA GLY D 327 18.64 22.90 -3.90
C GLY D 327 17.98 22.66 -2.55
N ASP D 328 16.83 22.02 -2.60
CA ASP D 328 16.03 21.80 -1.44
C ASP D 328 16.65 20.78 -0.47
N VAL D 330 20.05 20.10 -0.41
CA VAL D 330 21.27 20.73 0.00
C VAL D 330 21.04 21.58 1.22
N LEU D 331 19.93 22.29 1.23
CA LEU D 331 19.55 23.20 2.30
C LEU D 331 19.04 22.46 3.52
N GLU D 332 18.32 21.37 3.27
CA GLU D 332 17.87 20.54 4.35
C GLU D 332 19.07 19.98 5.11
N ASP D 333 20.10 19.59 4.39
CA ASP D 333 21.26 18.97 5.01
C ASP D 333 22.18 19.98 5.67
N ASP D 335 21.16 22.62 7.14
CA ASP D 335 20.44 22.93 8.35
C ASP D 335 20.76 21.96 9.49
N LEU D 336 20.63 20.65 9.20
CA LEU D 336 21.01 19.61 10.14
C LEU D 336 22.42 19.81 10.64
N ASP D 338 24.35 22.56 10.67
CA ASP D 338 24.51 23.77 11.44
C ASP D 338 24.07 23.47 12.85
N ARG D 339 23.08 22.60 12.99
CA ARG D 339 22.66 22.14 14.30
C ARG D 339 23.56 21.04 14.82
N GLY D 340 24.63 20.73 14.10
CA GLY D 340 25.51 19.65 14.51
C GLY D 340 24.99 18.22 14.43
N LEU D 341 23.89 17.97 13.71
CA LEU D 341 23.47 16.58 13.46
C LEU D 341 24.20 16.00 12.19
N PRO D 342 24.24 14.65 12.00
CA PRO D 342 24.75 14.17 10.69
C PRO D 342 23.71 14.34 9.57
N PRO D 343 24.17 14.35 8.29
CA PRO D 343 23.26 14.55 7.14
C PRO D 343 22.31 13.38 6.97
N ARG D 345 19.28 13.76 4.36
CA ARG D 345 18.52 13.81 3.11
C ARG D 345 19.32 13.44 1.86
N CYS D 346 20.64 13.59 1.94
CA CYS D 346 21.53 13.21 0.84
C CYS D 346 22.29 11.97 1.27
N LYS D 347 22.81 11.26 0.27
CA LYS D 347 23.51 10.01 0.51
C LYS D 347 24.94 10.31 0.91
N ARG D 348 25.47 9.54 1.86
CA ARG D 348 26.81 9.76 2.41
C ARG D 348 27.89 8.83 1.81
N ALA D 349 28.88 9.42 1.13
CA ALA D 349 30.10 8.73 0.64
C ALA D 349 30.74 7.87 1.72
N GLU D 350 30.82 6.57 1.46
CA GLU D 350 31.38 5.63 2.43
C GLU D 350 32.77 5.17 2.02
N ARG D 351 33.64 5.06 3.02
CA ARG D 351 35.04 4.67 2.78
C ARG D 351 35.19 3.58 1.71
N GLU D 352 34.34 2.56 1.76
CA GLU D 352 34.42 1.43 0.82
C GLU D 352 34.03 1.75 -0.63
N THR D 353 33.05 2.65 -0.82
CA THR D 353 32.72 3.18 -2.14
C THR D 353 33.90 3.96 -2.66
N VAL D 354 34.45 4.83 -1.83
CA VAL D 354 35.61 5.64 -2.24
C VAL D 354 36.86 4.79 -2.43
N SER D 355 37.00 3.74 -1.63
CA SER D 355 38.00 2.70 -1.86
C SER D 355 37.87 2.07 -3.27
N ARG D 356 36.65 1.64 -3.62
CA ARG D 356 36.35 1.02 -4.91
C ARG D 356 36.50 2.03 -6.06
#